data_3Q3I
#
_entry.id   3Q3I
#
_cell.length_a   79.701
_cell.length_b   93.262
_cell.length_c   176.705
_cell.angle_alpha   90.00
_cell.angle_beta   90.00
_cell.angle_gamma   90.00
#
_symmetry.space_group_name_H-M   'P 21 21 21'
#
loop_
_entity.id
_entity.type
_entity.pdbx_description
1 polymer 'HMW1C-like glycosyltransferase'
2 non-polymer GLYCEROL
3 water water
#
_entity_poly.entity_id   1
_entity_poly.type   'polypeptide(L)'
_entity_poly.pdbx_seq_one_letter_code
;MAHHHHHHVGTMENENKPNVANFEAAVAAKDYEKACSELLLILSQLDSNFGGIQEIEFEYPAQLQDLEQEKIVYFCTRMA
TAITTLFSDPVLEISDLGVQRFLVYQRWLALIFASSPFVNADHILQTYNREPNRKNSLEIHLDSSKSSLIKFCILYLPES
NVNLNLDVMWNISPELCASLCFALQSPRFIGTSTAFNKRATILQWFPRHLDQLKNLNNIPSAISHDVYMHCSYDTSVNKH
DVKRALNHVIRRHIESEYGWKDRDVAHIGYRNNKPVMVVLLEHFHSAHSIYRTHSTSMIAAREHFYLIGLGSPSVDQAGQ
EVFDEFHLVAGDNMKQKLEFIRSVCESNGAAIFYMPSIGMDMTTIFASNTRLAPIQAIALGHPATTHSDFIEYVIVEDDY
VGSEECFSETLLRLPKDALPYVPSALAPEKVDYLLRENPEVVNIGIASTTMKLNPYFLEALKAIRDRAKVKVHFHFALGQ
SNGITHPYVERFIKSYLGDSATAHPHSPYHQYLRILHNCDMMVNPFPFGNTNGIIDMVTLGLVGVCKTGAEVHEHIDEGL
FKRLGLPEWLIANTVDEYVERAVRLAENHQERLELRRYIIENNGLNTLFTGDPRPMGQVFLEKLNAFLKEN
;
_entity_poly.pdbx_strand_id   A,B
#
# COMPACT_ATOMS: atom_id res chain seq x y z
N THR A 11 25.07 0.64 45.53
CA THR A 11 23.70 1.10 45.99
C THR A 11 23.62 1.76 47.40
N MET A 12 22.76 2.78 47.49
CA MET A 12 22.37 3.42 48.79
C MET A 12 20.82 3.64 49.01
N GLU A 13 20.43 3.85 50.27
CA GLU A 13 19.04 3.63 50.74
C GLU A 13 17.99 4.64 50.24
N ASN A 14 16.89 4.14 49.67
CA ASN A 14 15.85 5.02 49.09
C ASN A 14 16.25 5.60 47.71
N GLU A 15 17.15 4.93 46.99
CA GLU A 15 17.69 5.49 45.72
C GLU A 15 16.69 5.55 44.55
N ASN A 16 15.57 4.84 44.71
CA ASN A 16 14.63 4.75 43.65
C ASN A 16 13.24 5.19 44.02
N LYS A 17 13.01 5.89 45.13
CA LYS A 17 11.62 6.35 45.39
C LYS A 17 11.17 7.60 44.62
N PRO A 18 10.11 7.48 43.78
CA PRO A 18 9.63 8.62 43.00
C PRO A 18 9.28 9.74 43.96
N ASN A 19 9.97 10.85 43.83
CA ASN A 19 9.85 11.89 44.84
C ASN A 19 9.92 13.27 44.23
N VAL A 20 8.75 13.92 44.17
CA VAL A 20 8.57 15.24 43.55
C VAL A 20 9.59 16.24 44.12
N ALA A 21 9.81 16.24 45.43
CA ALA A 21 10.74 17.22 46.00
C ALA A 21 12.17 16.92 45.55
N ASN A 22 12.58 15.64 45.50
CA ASN A 22 13.93 15.29 45.08
C ASN A 22 14.21 15.71 43.64
N PHE A 23 13.17 15.57 42.80
CA PHE A 23 13.24 15.98 41.43
C PHE A 23 13.51 17.46 41.41
N GLU A 24 12.73 18.23 42.18
CA GLU A 24 12.84 19.68 42.21
C GLU A 24 14.23 20.10 42.71
N ALA A 25 14.76 19.37 43.69
CA ALA A 25 16.04 19.72 44.28
C ALA A 25 17.14 19.53 43.25
N ALA A 26 17.03 18.51 42.42
CA ALA A 26 18.07 18.23 41.43
C ALA A 26 18.04 19.21 40.24
N VAL A 27 16.86 19.65 39.84
CA VAL A 27 16.77 20.68 38.84
C VAL A 27 17.42 22.00 39.38
N ALA A 28 17.06 22.41 40.59
CA ALA A 28 17.61 23.62 41.20
C ALA A 28 19.14 23.52 41.34
N ALA A 29 19.63 22.31 41.70
CA ALA A 29 21.05 22.08 41.95
C ALA A 29 21.87 22.07 40.69
N LYS A 30 21.21 22.32 39.56
CA LYS A 30 21.73 22.06 38.25
C LYS A 30 22.27 20.63 37.99
N ASP A 31 22.07 19.67 38.89
CA ASP A 31 22.53 18.27 38.66
C ASP A 31 21.67 17.63 37.59
N TYR A 32 22.01 17.87 36.32
CA TYR A 32 21.17 17.45 35.19
C TYR A 32 20.93 15.95 35.08
N GLU A 33 21.92 15.14 35.44
CA GLU A 33 21.71 13.71 35.36
C GLU A 33 20.94 13.25 36.55
N LYS A 34 21.11 13.86 37.70
CA LYS A 34 20.19 13.44 38.78
C LYS A 34 18.72 13.84 38.47
N ALA A 35 18.56 14.97 37.85
CA ALA A 35 17.23 15.47 37.59
C ALA A 35 16.50 14.57 36.57
N CYS A 36 17.21 14.10 35.55
CA CYS A 36 16.51 13.31 34.55
C CYS A 36 16.19 11.98 35.17
N SER A 37 17.01 11.49 36.09
CA SER A 37 16.67 10.21 36.62
C SER A 37 15.52 10.23 37.64
N GLU A 38 15.43 11.32 38.40
CA GLU A 38 14.41 11.47 39.41
C GLU A 38 13.13 11.70 38.65
N LEU A 39 13.27 12.23 37.44
CA LEU A 39 12.13 12.56 36.62
C LEU A 39 11.53 11.28 36.09
N LEU A 40 12.40 10.39 35.65
CA LEU A 40 11.99 9.11 35.10
C LEU A 40 11.43 8.20 36.20
N LEU A 41 11.88 8.34 37.45
CA LEU A 41 11.25 7.51 38.48
C LEU A 41 9.76 7.82 38.53
N ILE A 42 9.45 9.13 38.59
CA ILE A 42 8.09 9.63 38.63
C ILE A 42 7.31 9.29 37.40
N LEU A 43 7.91 9.47 36.22
CA LEU A 43 7.13 9.09 35.05
C LEU A 43 6.90 7.59 35.01
N SER A 44 7.89 6.74 35.30
CA SER A 44 7.56 5.33 35.21
C SER A 44 6.51 4.92 36.24
N GLN A 45 6.44 5.60 37.39
CA GLN A 45 5.41 5.25 38.30
C GLN A 45 4.01 5.66 37.80
N LEU A 46 3.92 6.82 37.15
CA LEU A 46 2.67 7.25 36.61
C LEU A 46 2.20 6.19 35.65
N ASP A 47 3.13 5.72 34.83
CA ASP A 47 2.87 4.63 33.93
C ASP A 47 2.35 3.37 34.59
N SER A 48 2.92 2.97 35.71
CA SER A 48 2.46 1.77 36.39
C SER A 48 1.11 2.01 37.06
N ASN A 49 0.85 3.25 37.47
CA ASN A 49 -0.42 3.59 38.09
C ASN A 49 -1.45 3.95 37.08
N PHE A 50 -1.10 3.96 35.80
CA PHE A 50 -2.09 4.30 34.77
C PHE A 50 -2.67 5.70 35.03
N GLY A 51 -1.81 6.58 35.50
CA GLY A 51 -2.10 7.96 35.72
C GLY A 51 -2.25 8.36 37.15
N GLY A 52 -2.60 7.41 38.02
CA GLY A 52 -2.72 7.71 39.43
C GLY A 52 -1.44 8.27 40.00
N ILE A 53 -1.47 8.86 41.19
CA ILE A 53 -0.27 9.50 41.69
C ILE A 53 0.16 8.88 43.01
N GLN A 54 -0.48 7.76 43.31
CA GLN A 54 -0.09 6.89 44.43
C GLN A 54 1.36 6.44 44.27
N GLU A 55 2.03 6.31 45.40
CA GLU A 55 3.38 5.81 45.45
C GLU A 55 4.36 6.83 44.95
N ILE A 56 3.94 8.10 44.81
CA ILE A 56 4.77 9.25 44.35
C ILE A 56 4.66 10.28 45.42
N GLU A 57 5.66 10.33 46.27
CA GLU A 57 5.69 11.14 47.42
C GLU A 57 5.75 12.66 47.13
N PHE A 58 4.79 13.39 47.70
CA PHE A 58 4.82 14.84 47.64
C PHE A 58 3.91 15.48 48.68
N GLU A 59 4.26 16.71 49.05
CA GLU A 59 3.51 17.50 50.03
C GLU A 59 2.80 18.67 49.35
N TYR A 60 1.78 19.18 50.04
CA TYR A 60 0.81 19.98 49.41
C TYR A 60 0.22 20.88 50.48
N PRO A 61 -0.31 22.04 50.07
CA PRO A 61 -0.85 22.95 51.02
C PRO A 61 -2.06 22.35 51.76
N ALA A 62 -2.23 22.65 53.04
CA ALA A 62 -3.24 22.01 53.84
C ALA A 62 -4.61 22.09 53.18
N GLN A 63 -4.85 23.22 52.48
CA GLN A 63 -6.11 23.46 51.77
C GLN A 63 -6.52 22.36 50.80
N LEU A 64 -5.56 21.62 50.27
CA LEU A 64 -5.82 20.63 49.26
C LEU A 64 -6.12 19.22 49.84
N GLN A 65 -6.27 19.09 51.13
CA GLN A 65 -6.51 17.80 51.80
C GLN A 65 -7.62 16.91 51.17
N ASP A 66 -8.88 17.39 51.12
CA ASP A 66 -9.96 16.64 50.50
C ASP A 66 -10.40 17.19 49.16
N LEU A 67 -9.42 17.68 48.42
CA LEU A 67 -9.71 18.21 47.11
C LEU A 67 -8.88 17.47 46.07
N GLU A 68 -9.22 16.21 45.82
CA GLU A 68 -8.38 15.35 44.99
C GLU A 68 -7.98 15.92 43.62
N GLN A 69 -8.97 16.46 42.88
CA GLN A 69 -8.77 17.07 41.56
C GLN A 69 -7.73 18.15 41.58
N GLU A 70 -7.88 19.01 42.60
CA GLU A 70 -7.05 20.19 42.78
C GLU A 70 -5.66 19.70 43.15
N LYS A 71 -5.63 18.73 44.06
CA LYS A 71 -4.39 18.13 44.46
C LYS A 71 -3.66 17.56 43.24
N ILE A 72 -4.39 16.87 42.35
CA ILE A 72 -3.89 16.43 41.07
C ILE A 72 -3.33 17.60 40.25
N VAL A 73 -4.10 18.67 40.04
CA VAL A 73 -3.63 19.81 39.20
C VAL A 73 -2.36 20.52 39.79
N TYR A 74 -2.33 20.71 41.10
CA TYR A 74 -1.14 21.04 41.88
C TYR A 74 0.03 20.16 41.58
N PHE A 75 -0.16 18.87 41.70
CA PHE A 75 0.89 17.93 41.32
C PHE A 75 1.41 18.22 39.90
N CYS A 76 0.50 18.36 38.95
CA CYS A 76 0.88 18.49 37.58
C CYS A 76 1.58 19.82 37.41
N THR A 77 1.16 20.86 38.15
CA THR A 77 1.72 22.14 37.87
C THR A 77 3.14 22.25 38.46
N ARG A 78 3.36 21.67 39.62
CA ARG A 78 4.73 21.58 40.18
C ARG A 78 5.65 20.79 39.23
N MET A 79 5.18 19.65 38.74
CA MET A 79 5.97 18.86 37.81
C MET A 79 6.23 19.73 36.59
N ALA A 80 5.20 20.35 36.00
CA ALA A 80 5.37 21.18 34.80
C ALA A 80 6.44 22.27 35.00
N THR A 81 6.39 22.96 36.15
CA THR A 81 7.32 24.06 36.31
C THR A 81 8.80 23.57 36.45
N ALA A 82 9.00 22.47 37.18
CA ALA A 82 10.29 21.77 37.22
C ALA A 82 10.73 21.23 35.85
N ILE A 83 9.82 20.61 35.12
CA ILE A 83 10.21 20.15 33.82
C ILE A 83 10.67 21.34 33.00
N THR A 84 9.88 22.43 33.04
CA THR A 84 10.21 23.68 32.33
C THR A 84 11.62 24.27 32.63
N THR A 85 11.91 24.43 33.91
CA THR A 85 13.20 24.98 34.20
C THR A 85 14.34 24.04 33.79
N LEU A 86 14.16 22.72 33.89
CA LEU A 86 15.13 21.71 33.41
C LEU A 86 15.33 21.76 31.90
N PHE A 87 14.27 21.54 31.14
CA PHE A 87 14.33 21.45 29.68
C PHE A 87 14.50 22.77 28.93
N SER A 88 14.45 23.91 29.62
CA SER A 88 14.60 25.22 28.93
C SER A 88 16.06 25.55 28.88
N ASP A 89 16.78 24.90 29.79
CA ASP A 89 18.20 25.07 30.01
C ASP A 89 18.92 24.43 28.83
N PRO A 90 19.75 25.23 28.11
CA PRO A 90 20.36 24.72 26.90
C PRO A 90 21.60 23.88 27.19
N VAL A 91 21.99 23.76 28.46
CA VAL A 91 23.12 22.91 28.84
C VAL A 91 22.69 21.46 28.84
N LEU A 92 21.38 21.21 29.00
CA LEU A 92 20.88 19.86 29.24
C LEU A 92 21.14 18.97 28.03
N GLU A 93 21.85 17.86 28.26
CA GLU A 93 21.93 16.87 27.21
C GLU A 93 21.32 15.59 27.63
N ILE A 94 20.58 15.00 26.72
CA ILE A 94 20.01 13.69 27.01
C ILE A 94 20.69 12.61 26.16
N SER A 95 21.16 11.56 26.83
CA SER A 95 21.74 10.39 26.15
C SER A 95 20.87 9.87 24.99
N ASP A 96 21.46 8.95 24.22
CA ASP A 96 20.69 8.27 23.20
C ASP A 96 19.81 7.10 23.72
N LEU A 97 20.15 6.59 24.90
CA LEU A 97 19.35 5.63 25.65
C LEU A 97 18.21 6.40 26.35
N GLY A 98 18.52 7.63 26.79
CA GLY A 98 17.60 8.46 27.63
C GLY A 98 16.39 8.91 26.83
N VAL A 99 16.63 9.18 25.56
CA VAL A 99 15.57 9.59 24.67
C VAL A 99 14.55 8.47 24.52
N GLN A 100 15.02 7.23 24.46
CA GLN A 100 14.09 6.11 24.34
C GLN A 100 13.21 6.05 25.58
N ARG A 101 13.83 6.25 26.74
CA ARG A 101 13.07 6.27 27.96
C ARG A 101 12.04 7.41 27.99
N PHE A 102 12.43 8.63 27.58
CA PHE A 102 11.47 9.76 27.62
C PHE A 102 10.37 9.62 26.63
N LEU A 103 10.69 9.00 25.53
CA LEU A 103 9.73 8.88 24.48
C LEU A 103 8.77 7.74 24.82
N VAL A 104 9.25 6.68 25.47
CA VAL A 104 8.33 5.66 25.90
C VAL A 104 7.30 6.22 26.88
N TYR A 105 7.66 7.26 27.60
CA TYR A 105 6.73 7.78 28.59
C TYR A 105 6.15 9.12 28.19
N GLN A 106 6.33 9.54 26.96
CA GLN A 106 5.77 10.84 26.53
C GLN A 106 4.30 11.09 26.99
N ARG A 107 3.47 10.04 26.96
CA ARG A 107 2.04 10.19 27.26
C ARG A 107 1.83 10.68 28.70
N TRP A 108 2.77 10.38 29.58
CA TRP A 108 2.70 10.90 30.93
C TRP A 108 3.26 12.34 31.01
N LEU A 109 4.13 12.79 30.10
CA LEU A 109 4.42 14.22 30.08
C LEU A 109 3.24 15.02 29.55
N ALA A 110 2.61 14.51 28.50
CA ALA A 110 1.37 15.07 27.88
C ALA A 110 0.35 15.39 28.94
N LEU A 111 0.17 14.44 29.87
CA LEU A 111 -0.90 14.58 30.87
C LEU A 111 -0.49 15.52 31.95
N ILE A 112 0.81 15.54 32.25
CA ILE A 112 1.35 16.51 33.20
C ILE A 112 1.06 17.95 32.69
N PHE A 113 1.42 18.28 31.46
CA PHE A 113 1.20 19.62 30.95
C PHE A 113 -0.27 19.88 30.65
N ALA A 114 -0.97 18.86 30.15
CA ALA A 114 -2.32 19.02 29.69
C ALA A 114 -3.33 19.19 30.84
N SER A 115 -2.93 18.78 32.04
CA SER A 115 -3.83 18.93 33.16
C SER A 115 -3.40 20.13 34.02
N SER A 116 -2.23 20.66 33.73
CA SER A 116 -1.79 21.88 34.33
C SER A 116 -2.39 23.02 33.50
N PRO A 117 -2.29 24.25 34.00
CA PRO A 117 -2.86 25.33 33.21
C PRO A 117 -2.06 25.63 31.96
N PHE A 118 -0.89 24.99 31.83
CA PHE A 118 -0.01 25.24 30.70
C PHE A 118 -0.47 24.67 29.39
N VAL A 119 -1.29 23.64 29.42
CA VAL A 119 -1.83 22.97 28.27
C VAL A 119 -0.84 22.14 27.50
N ASN A 120 0.23 22.78 27.07
CA ASN A 120 1.31 22.06 26.41
C ASN A 120 2.63 22.61 26.79
N ALA A 121 3.64 22.30 25.97
CA ALA A 121 5.02 22.59 26.37
C ALA A 121 5.71 23.45 25.29
N ASP A 122 4.88 23.96 24.37
CA ASP A 122 5.33 24.90 23.36
C ASP A 122 6.21 26.00 23.98
N HIS A 123 5.90 26.46 25.20
CA HIS A 123 6.73 27.53 25.80
C HIS A 123 8.19 27.07 26.08
N ILE A 124 8.42 25.76 26.21
CA ILE A 124 9.80 25.26 26.22
C ILE A 124 10.28 25.13 24.77
N LEU A 125 9.47 24.55 23.91
CA LEU A 125 9.84 24.44 22.52
C LEU A 125 10.29 25.78 21.96
N GLN A 126 9.64 26.87 22.36
CA GLN A 126 9.98 28.14 21.78
C GLN A 126 11.40 28.60 22.18
N THR A 127 11.98 28.04 23.25
CA THR A 127 13.29 28.48 23.72
C THR A 127 14.39 27.83 22.93
N TYR A 128 14.00 26.87 22.11
CA TYR A 128 14.93 26.07 21.30
C TYR A 128 15.05 26.68 19.91
N ASN A 129 14.21 27.64 19.60
CA ASN A 129 14.27 28.39 18.36
C ASN A 129 15.46 29.36 18.25
N ARG A 130 16.04 29.44 17.06
CA ARG A 130 17.31 30.15 16.83
C ARG A 130 17.24 31.28 15.79
N GLU A 131 16.28 31.18 14.86
CA GLU A 131 16.10 32.19 13.84
C GLU A 131 15.13 33.21 14.38
N PRO A 132 15.63 34.42 14.69
CA PRO A 132 14.79 35.42 15.36
C PRO A 132 13.83 36.18 14.46
N ASN A 133 13.99 36.08 13.13
CA ASN A 133 13.04 36.77 12.19
C ASN A 133 12.22 35.79 11.32
N ARG A 134 11.02 35.46 11.78
CA ARG A 134 10.24 34.41 11.08
C ARG A 134 8.83 34.80 10.62
N LYS A 135 8.54 34.32 9.41
CA LYS A 135 7.20 34.36 8.83
C LYS A 135 6.19 33.66 9.78
N ASN A 136 6.50 32.41 10.18
CA ASN A 136 5.63 31.56 11.05
C ASN A 136 6.15 31.46 12.48
N SER A 137 5.41 32.07 13.40
CA SER A 137 5.73 32.11 14.83
C SER A 137 5.60 30.77 15.57
N LEU A 138 4.94 29.83 14.91
CA LEU A 138 4.74 28.49 15.41
C LEU A 138 5.72 27.50 14.81
N GLU A 139 6.72 28.00 14.07
CA GLU A 139 7.74 27.12 13.50
C GLU A 139 9.11 27.26 14.15
N ILE A 140 9.70 26.13 14.52
CA ILE A 140 10.86 26.14 15.41
C ILE A 140 12.17 25.81 14.67
N HIS A 141 13.01 26.82 14.51
CA HIS A 141 14.20 26.64 13.72
C HIS A 141 15.28 26.21 14.66
N LEU A 142 15.60 24.94 14.58
CA LEU A 142 16.49 24.37 15.54
C LEU A 142 17.97 24.65 15.31
N ASP A 143 18.79 24.40 16.33
CA ASP A 143 20.22 24.22 16.11
C ASP A 143 20.35 23.14 15.05
N SER A 144 21.58 22.70 14.85
CA SER A 144 21.86 21.55 14.03
C SER A 144 22.40 20.41 14.91
N SER A 145 22.38 20.65 16.21
CA SER A 145 22.66 19.59 17.17
C SER A 145 21.57 18.50 17.11
N LYS A 146 21.97 17.24 17.19
CA LYS A 146 20.99 16.17 17.26
C LYS A 146 20.41 16.26 18.65
N SER A 147 21.21 16.72 19.60
CA SER A 147 20.80 16.91 20.98
C SER A 147 19.58 17.82 21.05
N SER A 148 19.49 18.77 20.15
CA SER A 148 18.42 19.73 20.22
C SER A 148 17.20 19.13 19.60
N LEU A 149 17.41 18.18 18.69
CA LEU A 149 16.31 17.51 18.01
C LEU A 149 15.61 16.52 18.91
N ILE A 150 16.41 15.81 19.69
CA ILE A 150 15.96 14.96 20.74
C ILE A 150 15.02 15.66 21.76
N LYS A 151 15.52 16.77 22.34
CA LYS A 151 14.78 17.56 23.31
C LYS A 151 13.49 18.11 22.71
N PHE A 152 13.51 18.48 21.43
CA PHE A 152 12.30 18.97 20.78
C PHE A 152 11.29 17.82 20.72
N CYS A 153 11.71 16.64 20.29
CA CYS A 153 10.82 15.47 20.18
C CYS A 153 10.23 15.02 21.49
N ILE A 154 11.02 15.03 22.57
CA ILE A 154 10.51 14.68 23.87
C ILE A 154 9.34 15.60 24.25
N LEU A 155 9.45 16.88 23.91
CA LEU A 155 8.43 17.83 24.27
C LEU A 155 7.48 18.20 23.12
N TYR A 156 7.51 17.43 22.06
CA TYR A 156 6.47 17.61 21.05
C TYR A 156 5.17 16.84 21.47
N LEU A 157 4.34 17.48 22.27
CA LEU A 157 3.25 16.77 22.92
C LEU A 157 1.99 16.79 22.05
N PRO A 158 1.07 15.78 22.23
CA PRO A 158 -0.19 15.84 21.44
C PRO A 158 -0.86 17.21 21.41
N GLU A 159 -0.82 17.96 22.50
CA GLU A 159 -1.52 19.23 22.58
C GLU A 159 -0.69 20.37 22.04
N SER A 160 0.35 20.07 21.23
CA SER A 160 1.27 21.13 20.78
C SER A 160 0.70 21.95 19.60
N ASN A 161 0.95 23.26 19.59
CA ASN A 161 0.45 24.10 18.51
C ASN A 161 1.53 24.45 17.51
N VAL A 162 2.77 24.19 17.92
CA VAL A 162 3.97 24.37 17.15
C VAL A 162 3.87 23.48 15.91
N ASN A 163 4.68 23.71 14.91
CA ASN A 163 4.50 23.02 13.65
C ASN A 163 5.33 21.75 13.51
N LEU A 164 4.85 20.81 12.69
CA LEU A 164 5.65 19.59 12.45
C LEU A 164 5.70 19.14 11.02
N ASN A 165 6.92 18.99 10.48
CA ASN A 165 7.09 18.35 9.17
C ASN A 165 7.67 16.94 9.29
N LEU A 166 6.86 15.94 8.97
CA LEU A 166 7.34 14.60 9.19
C LEU A 166 8.34 14.18 8.13
N ASP A 167 8.10 14.62 6.89
CA ASP A 167 8.98 14.30 5.76
C ASP A 167 10.40 14.81 6.03
N VAL A 168 10.50 16.00 6.59
CA VAL A 168 11.78 16.57 6.94
C VAL A 168 12.42 15.75 8.05
N MET A 169 11.66 15.43 9.07
CA MET A 169 12.22 14.72 10.17
C MET A 169 12.61 13.29 9.82
N TRP A 170 11.83 12.66 8.93
CA TRP A 170 12.08 11.26 8.52
C TRP A 170 13.45 11.18 7.88
N ASN A 171 13.65 12.05 6.88
CA ASN A 171 14.95 12.30 6.27
C ASN A 171 16.10 12.51 7.20
N ILE A 172 15.91 13.28 8.27
CA ILE A 172 17.00 13.66 9.17
C ILE A 172 17.36 12.51 10.09
N SER A 173 16.37 12.03 10.85
CA SER A 173 16.54 10.81 11.62
C SER A 173 15.22 10.04 11.62
N PRO A 174 15.21 8.84 10.98
CA PRO A 174 13.95 8.08 10.84
C PRO A 174 13.53 7.38 12.14
N GLU A 175 14.49 6.78 12.86
CA GLU A 175 14.17 6.15 14.15
C GLU A 175 13.59 7.11 15.18
N LEU A 176 14.16 8.30 15.25
CA LEU A 176 13.64 9.36 16.07
C LEU A 176 12.19 9.75 15.72
N CYS A 177 11.97 9.99 14.45
CA CYS A 177 10.66 10.25 13.88
C CYS A 177 9.68 9.12 14.17
N ALA A 178 10.14 7.87 14.15
CA ALA A 178 9.26 6.72 14.37
C ALA A 178 8.92 6.73 15.82
N SER A 179 9.90 7.14 16.61
CA SER A 179 9.79 7.05 18.03
C SER A 179 8.67 8.02 18.49
N LEU A 180 8.67 9.19 17.86
CA LEU A 180 7.80 10.26 18.20
C LEU A 180 6.39 9.87 17.75
N CYS A 181 6.26 9.42 16.50
CA CYS A 181 5.04 8.78 16.01
C CYS A 181 4.47 7.73 16.99
N PHE A 182 5.29 6.79 17.44
CA PHE A 182 4.79 5.87 18.45
C PHE A 182 4.29 6.58 19.66
N ALA A 183 4.95 7.69 20.08
CA ALA A 183 4.63 8.28 21.37
C ALA A 183 3.25 8.89 21.21
N LEU A 184 3.08 9.57 20.08
CA LEU A 184 1.82 10.26 19.76
C LEU A 184 0.63 9.36 19.60
N GLN A 185 0.82 8.07 19.53
CA GLN A 185 -0.29 7.21 19.28
C GLN A 185 -0.61 6.44 20.56
N SER A 186 0.26 6.60 21.56
CA SER A 186 0.23 5.80 22.73
C SER A 186 -0.74 6.26 23.81
N PRO A 187 -1.08 7.59 23.91
CA PRO A 187 -1.93 7.93 25.05
C PRO A 187 -3.26 7.22 24.98
N ARG A 188 -3.88 7.07 26.13
CA ARG A 188 -5.21 6.49 26.17
C ARG A 188 -6.32 7.54 25.96
N PHE A 189 -5.94 8.81 25.90
CA PHE A 189 -6.90 9.83 25.67
C PHE A 189 -6.44 10.69 24.53
N ILE A 190 -7.10 10.54 23.39
CA ILE A 190 -6.74 11.28 22.16
C ILE A 190 -8.02 11.91 21.61
N GLY A 191 -8.44 13.00 22.30
CA GLY A 191 -9.80 13.37 22.27
C GLY A 191 -9.98 14.76 21.76
N THR A 192 -9.18 15.70 22.27
CA THR A 192 -9.22 17.07 21.74
C THR A 192 -8.80 17.11 20.29
N SER A 193 -9.37 18.03 19.53
CA SER A 193 -8.97 18.26 18.14
C SER A 193 -7.46 18.40 17.88
N THR A 194 -6.77 19.16 18.70
CA THR A 194 -5.34 19.29 18.49
C THR A 194 -4.71 17.88 18.47
N ALA A 195 -5.03 17.11 19.49
CA ALA A 195 -4.44 15.79 19.62
C ALA A 195 -4.95 14.86 18.53
N PHE A 196 -6.23 14.93 18.24
CA PHE A 196 -6.83 13.88 17.42
C PHE A 196 -6.41 14.08 15.98
N ASN A 197 -6.14 15.35 15.63
CA ASN A 197 -5.65 15.74 14.33
C ASN A 197 -4.20 15.31 14.16
N LYS A 198 -3.34 15.56 15.14
CA LYS A 198 -1.99 14.94 15.05
C LYS A 198 -2.05 13.46 14.77
N ARG A 199 -2.77 12.71 15.61
CA ARG A 199 -2.91 11.28 15.44
C ARG A 199 -3.42 10.88 14.07
N ALA A 200 -4.45 11.58 13.60
CA ALA A 200 -5.14 11.32 12.30
C ALA A 200 -4.13 11.41 11.18
N THR A 201 -3.37 12.51 11.15
CA THR A 201 -2.46 12.63 10.02
C THR A 201 -1.39 11.56 10.13
N ILE A 202 -0.98 11.27 11.36
CA ILE A 202 -0.05 10.18 11.54
C ILE A 202 -0.58 8.83 11.01
N LEU A 203 -1.85 8.51 11.19
CA LEU A 203 -2.29 7.21 10.70
C LEU A 203 -2.33 7.19 9.15
N GLN A 204 -2.31 8.36 8.50
CA GLN A 204 -2.26 8.40 7.05
C GLN A 204 -0.83 8.36 6.52
N TRP A 205 0.10 8.87 7.33
CA TRP A 205 1.45 9.12 6.85
C TRP A 205 2.39 8.09 7.31
N PHE A 206 2.25 7.64 8.54
CA PHE A 206 3.26 6.84 9.15
C PHE A 206 3.32 5.37 8.73
N PRO A 207 2.22 4.79 8.24
CA PRO A 207 2.37 3.34 7.98
C PRO A 207 3.43 3.02 6.87
N ARG A 208 3.27 3.64 5.67
CA ARG A 208 4.31 3.49 4.65
C ARG A 208 5.76 3.77 5.11
N HIS A 209 5.97 4.45 6.27
CA HIS A 209 7.31 4.66 6.79
C HIS A 209 7.74 3.60 7.80
N LEU A 210 6.82 3.16 8.64
CA LEU A 210 7.17 2.16 9.62
C LEU A 210 7.48 0.93 8.82
N ASP A 211 6.97 0.88 7.59
CA ASP A 211 7.18 -0.34 6.83
C ASP A 211 8.62 -0.50 6.42
N GLN A 212 9.38 0.58 6.52
CA GLN A 212 10.76 0.60 6.09
C GLN A 212 11.73 0.00 7.09
N LEU A 213 11.33 -0.09 8.38
CA LEU A 213 12.25 -0.47 9.46
C LEU A 213 12.58 -1.96 9.51
N LYS A 214 13.81 -2.26 9.97
CA LYS A 214 14.35 -3.61 9.95
C LYS A 214 13.95 -4.46 11.16
N ASN A 215 13.64 -3.78 12.27
CA ASN A 215 13.22 -4.36 13.56
C ASN A 215 12.81 -3.26 14.59
N LEU A 216 12.50 -3.63 15.81
CA LEU A 216 11.99 -2.71 16.80
C LEU A 216 13.06 -2.31 17.80
N ASN A 217 14.32 -2.35 17.38
CA ASN A 217 15.40 -2.05 18.33
C ASN A 217 15.52 -0.61 18.76
N ASN A 218 15.19 0.33 17.88
CA ASN A 218 15.33 1.73 18.22
C ASN A 218 14.02 2.53 18.13
N ILE A 219 12.94 1.90 18.54
CA ILE A 219 11.67 2.57 18.61
C ILE A 219 11.11 2.20 19.96
N PRO A 220 10.20 3.02 20.49
CA PRO A 220 9.73 2.69 21.84
C PRO A 220 8.91 1.38 21.81
N SER A 221 9.53 0.22 21.89
CA SER A 221 8.69 -0.91 21.51
C SER A 221 7.68 -1.35 22.56
N ALA A 222 7.84 -0.89 23.80
CA ALA A 222 6.98 -1.33 24.88
C ALA A 222 5.58 -0.71 24.85
N ILE A 223 5.31 0.18 23.89
CA ILE A 223 3.97 0.72 23.73
C ILE A 223 3.51 0.34 22.33
N SER A 224 4.06 -0.76 21.83
CA SER A 224 3.69 -1.23 20.51
C SER A 224 2.21 -1.70 20.48
N HIS A 225 1.78 -2.39 21.53
CA HIS A 225 0.37 -2.80 21.59
C HIS A 225 -0.54 -1.60 21.56
N ASP A 226 -0.02 -0.49 22.05
CA ASP A 226 -0.77 0.73 22.21
C ASP A 226 -0.99 1.36 20.83
N VAL A 227 0.06 1.41 20.01
CA VAL A 227 -0.13 1.86 18.64
C VAL A 227 -1.08 0.91 17.89
N TYR A 228 -0.87 -0.39 18.08
CA TYR A 228 -1.76 -1.40 17.55
C TYR A 228 -3.26 -1.16 17.84
N MET A 229 -3.60 -1.01 19.11
CA MET A 229 -4.98 -0.83 19.48
C MET A 229 -5.53 0.54 19.22
N HIS A 230 -4.73 1.57 19.41
CA HIS A 230 -5.34 2.84 19.53
C HIS A 230 -5.86 3.37 18.27
N CYS A 231 -5.36 2.83 17.15
CA CYS A 231 -5.68 3.34 15.82
C CYS A 231 -7.13 3.03 15.49
N SER A 232 -7.82 2.22 16.31
CA SER A 232 -9.15 1.76 15.95
C SER A 232 -10.16 2.85 16.22
N TYR A 233 -9.67 3.92 16.88
CA TYR A 233 -10.51 4.88 17.55
C TYR A 233 -10.49 6.15 16.74
N ASP A 234 -9.84 6.03 15.59
CA ASP A 234 -9.88 7.06 14.60
C ASP A 234 -11.10 6.88 13.64
N THR A 235 -11.33 7.86 12.80
CA THR A 235 -12.52 7.96 11.99
C THR A 235 -12.32 7.58 10.50
N SER A 236 -11.08 7.56 10.05
CA SER A 236 -10.78 7.31 8.66
C SER A 236 -11.01 5.82 8.37
N VAL A 237 -11.07 5.46 7.08
CA VAL A 237 -11.53 4.14 6.64
C VAL A 237 -10.34 3.20 6.66
N ASN A 238 -9.17 3.76 6.34
CA ASN A 238 -7.92 3.01 6.29
C ASN A 238 -7.09 3.06 7.63
N LYS A 239 -7.75 3.57 8.68
CA LYS A 239 -7.18 3.73 10.04
C LYS A 239 -6.34 2.57 10.57
N HIS A 240 -6.58 1.37 10.04
CA HIS A 240 -5.88 0.19 10.47
C HIS A 240 -4.55 -0.08 9.77
N ASP A 241 -4.21 0.70 8.74
CA ASP A 241 -3.00 0.42 7.95
C ASP A 241 -1.74 0.25 8.83
N VAL A 242 -1.60 1.09 9.86
CA VAL A 242 -0.44 0.97 10.73
C VAL A 242 -0.25 -0.45 11.29
N LYS A 243 -1.31 -1.23 11.41
CA LYS A 243 -1.15 -2.58 11.90
C LYS A 243 -0.38 -3.40 10.86
N ARG A 244 -0.78 -3.28 9.59
CA ARG A 244 -0.11 -3.97 8.50
C ARG A 244 1.43 -3.72 8.53
N ALA A 245 1.78 -2.44 8.55
CA ALA A 245 3.17 -2.04 8.61
C ALA A 245 3.82 -2.59 9.86
N LEU A 246 3.03 -2.69 10.91
CA LEU A 246 3.61 -3.01 12.21
C LEU A 246 3.92 -4.50 12.26
N ASN A 247 3.09 -5.35 11.63
CA ASN A 247 3.29 -6.79 11.68
C ASN A 247 4.59 -7.13 10.94
N HIS A 248 4.79 -6.46 9.79
CA HIS A 248 5.98 -6.70 8.92
C HIS A 248 7.29 -6.42 9.72
N VAL A 249 7.26 -5.35 10.53
CA VAL A 249 8.42 -5.00 11.33
C VAL A 249 8.53 -6.05 12.36
N ILE A 250 7.41 -6.44 12.95
CA ILE A 250 7.49 -7.48 13.97
C ILE A 250 8.03 -8.83 13.45
N ARG A 251 7.59 -9.23 12.27
CA ARG A 251 8.00 -10.50 11.69
C ARG A 251 9.51 -10.41 11.40
N ARG A 252 9.94 -9.35 10.76
CA ARG A 252 11.37 -9.06 10.61
C ARG A 252 12.08 -9.18 11.89
N HIS A 253 11.57 -8.54 12.94
CA HIS A 253 12.19 -8.52 14.27
C HIS A 253 12.34 -9.90 14.78
N ILE A 254 11.33 -10.73 14.62
CA ILE A 254 11.43 -12.04 15.23
C ILE A 254 12.26 -13.07 14.45
N GLU A 255 12.48 -12.82 13.17
CA GLU A 255 13.32 -13.72 12.39
C GLU A 255 14.79 -13.47 12.74
N SER A 256 15.15 -12.20 12.77
CA SER A 256 16.54 -11.79 12.85
C SER A 256 17.07 -11.88 14.26
N GLU A 257 16.33 -11.24 15.16
CA GLU A 257 16.65 -11.22 16.57
C GLU A 257 16.27 -12.51 17.30
N TYR A 258 15.15 -13.13 16.96
CA TYR A 258 14.82 -14.31 17.74
C TYR A 258 15.21 -15.61 17.02
N GLY A 259 15.86 -15.50 15.87
CA GLY A 259 16.10 -16.66 15.01
C GLY A 259 14.89 -17.59 15.00
N TRP A 260 13.74 -17.08 14.55
CA TRP A 260 12.48 -17.84 14.53
C TRP A 260 12.39 -18.85 13.35
N LYS A 261 12.09 -20.12 13.63
CA LYS A 261 11.67 -21.06 12.60
C LYS A 261 10.21 -21.43 12.87
N ASP A 262 9.34 -21.12 11.91
CA ASP A 262 7.94 -21.49 12.00
C ASP A 262 7.74 -22.97 12.21
N ARG A 263 6.51 -23.40 12.50
CA ARG A 263 6.21 -24.83 12.62
C ARG A 263 5.93 -25.47 11.28
N ASP A 264 6.03 -26.80 11.24
CA ASP A 264 5.57 -27.54 10.09
C ASP A 264 4.14 -27.96 10.39
N VAL A 265 3.22 -27.44 9.61
CA VAL A 265 1.81 -27.64 9.90
C VAL A 265 1.18 -28.61 8.91
N ALA A 266 2.01 -29.42 8.26
CA ALA A 266 1.46 -30.50 7.42
C ALA A 266 0.71 -31.55 8.26
N HIS A 267 1.28 -31.98 9.39
CA HIS A 267 0.63 -33.03 10.20
C HIS A 267 0.10 -32.48 11.51
N ILE A 268 -0.88 -33.16 12.10
CA ILE A 268 -1.47 -32.75 13.37
C ILE A 268 -1.56 -33.97 14.30
N GLY A 269 -1.71 -33.70 15.60
CA GLY A 269 -1.83 -34.71 16.68
C GLY A 269 -3.19 -34.63 17.42
N TYR A 270 -3.37 -35.49 18.42
CA TYR A 270 -4.68 -35.73 19.05
C TYR A 270 -4.47 -35.91 20.55
N ARG A 271 -5.48 -35.56 21.35
CA ARG A 271 -5.45 -35.84 22.80
C ARG A 271 -6.84 -36.33 23.24
N ASN A 272 -6.92 -37.55 23.79
CA ASN A 272 -8.24 -38.21 23.97
C ASN A 272 -9.06 -38.27 22.69
N ASN A 273 -8.42 -38.71 21.61
CA ASN A 273 -9.03 -38.84 20.27
C ASN A 273 -9.56 -37.61 19.59
N LYS A 274 -9.30 -36.44 20.16
CA LYS A 274 -9.74 -35.18 19.48
C LYS A 274 -8.54 -34.39 19.10
N PRO A 275 -8.62 -33.72 17.97
CA PRO A 275 -7.55 -32.82 17.54
C PRO A 275 -7.37 -31.68 18.55
N VAL A 276 -6.24 -31.00 18.58
CA VAL A 276 -6.04 -29.96 19.59
C VAL A 276 -6.29 -28.52 19.07
N MET A 277 -6.94 -27.72 19.94
CA MET A 277 -7.04 -26.24 19.83
C MET A 277 -6.20 -25.63 20.94
N VAL A 278 -5.13 -24.92 20.58
CA VAL A 278 -4.34 -24.11 21.52
C VAL A 278 -4.84 -22.65 21.48
N VAL A 279 -5.19 -22.08 22.65
CA VAL A 279 -5.82 -20.74 22.78
C VAL A 279 -4.84 -19.86 23.55
N LEU A 280 -4.35 -18.82 22.89
CA LEU A 280 -3.54 -17.84 23.59
C LEU A 280 -4.43 -16.72 24.19
N LEU A 281 -4.35 -16.55 25.50
CA LEU A 281 -5.27 -15.68 26.19
C LEU A 281 -4.68 -14.31 26.51
N GLU A 282 -5.52 -13.31 26.63
CA GLU A 282 -5.04 -12.11 27.25
C GLU A 282 -6.23 -11.51 27.97
N HIS A 283 -5.99 -10.87 29.12
CA HIS A 283 -7.05 -10.23 29.88
C HIS A 283 -8.26 -11.11 29.99
N PHE A 284 -8.05 -12.39 30.31
CA PHE A 284 -9.12 -13.38 30.40
C PHE A 284 -9.65 -13.77 31.78
N HIS A 285 -9.98 -12.85 32.63
CA HIS A 285 -10.41 -13.24 33.97
C HIS A 285 -11.94 -13.31 33.98
N SER A 286 -12.51 -14.12 34.86
CA SER A 286 -13.97 -14.39 34.74
C SER A 286 -14.95 -13.20 34.96
N ALA A 287 -14.46 -12.13 35.60
CA ALA A 287 -15.19 -10.89 35.82
C ALA A 287 -14.96 -9.90 34.70
N HIS A 288 -14.08 -10.21 33.78
CA HIS A 288 -13.94 -9.27 32.65
C HIS A 288 -14.67 -9.74 31.36
N SER A 289 -14.60 -8.95 30.32
CA SER A 289 -15.62 -9.16 29.28
C SER A 289 -15.22 -10.14 28.19
N ILE A 290 -13.94 -10.48 28.11
CA ILE A 290 -13.52 -11.47 27.12
C ILE A 290 -14.11 -12.80 27.51
N TYR A 291 -13.98 -13.11 28.79
CA TYR A 291 -14.59 -14.27 29.34
C TYR A 291 -16.11 -14.20 29.18
N ARG A 292 -16.70 -13.04 29.41
CA ARG A 292 -18.13 -13.03 29.45
C ARG A 292 -18.68 -13.21 28.05
N THR A 293 -17.95 -12.75 27.05
CA THR A 293 -18.39 -12.90 25.68
C THR A 293 -18.02 -14.22 25.02
N HIS A 294 -16.97 -14.89 25.45
CA HIS A 294 -16.40 -15.99 24.68
C HIS A 294 -16.17 -17.30 25.32
N SER A 295 -16.24 -17.34 26.63
CA SER A 295 -15.87 -18.54 27.34
C SER A 295 -16.88 -19.59 26.98
N THR A 296 -18.12 -19.20 26.82
CA THR A 296 -19.09 -20.25 26.49
C THR A 296 -18.91 -20.94 25.14
N SER A 297 -18.59 -20.18 24.10
CA SER A 297 -18.30 -20.85 22.84
C SER A 297 -17.05 -21.69 22.96
N MET A 298 -16.10 -21.27 23.80
CA MET A 298 -14.92 -22.09 24.04
C MET A 298 -15.16 -23.38 24.82
N ILE A 299 -15.97 -23.33 25.87
CA ILE A 299 -16.42 -24.58 26.48
C ILE A 299 -17.00 -25.54 25.39
N ALA A 300 -17.98 -25.04 24.62
CA ALA A 300 -18.76 -25.87 23.72
C ALA A 300 -17.88 -26.50 22.64
N ALA A 301 -16.74 -25.89 22.36
CA ALA A 301 -15.86 -26.42 21.34
C ALA A 301 -15.20 -27.69 21.82
N ARG A 302 -15.23 -27.91 23.14
CA ARG A 302 -14.66 -29.11 23.69
C ARG A 302 -15.40 -30.39 23.26
N GLU A 303 -16.55 -30.19 22.60
CA GLU A 303 -17.25 -31.30 21.97
C GLU A 303 -16.42 -31.99 20.88
N HIS A 304 -15.63 -31.21 20.17
CA HIS A 304 -14.85 -31.73 19.10
C HIS A 304 -13.35 -31.54 19.29
N PHE A 305 -12.89 -30.73 20.24
CA PHE A 305 -11.44 -30.39 20.29
C PHE A 305 -10.98 -30.53 21.69
N TYR A 306 -9.80 -31.09 21.91
CA TYR A 306 -9.10 -30.94 23.17
C TYR A 306 -8.47 -29.54 23.26
N LEU A 307 -8.86 -28.78 24.29
CA LEU A 307 -8.54 -27.34 24.46
C LEU A 307 -7.48 -27.03 25.51
N ILE A 308 -6.35 -26.54 25.03
CA ILE A 308 -5.23 -26.17 25.90
C ILE A 308 -5.15 -24.64 26.02
N GLY A 309 -5.44 -24.14 27.20
CA GLY A 309 -5.39 -22.71 27.40
C GLY A 309 -4.01 -22.31 27.79
N LEU A 310 -3.52 -21.19 27.25
CA LEU A 310 -2.20 -20.64 27.70
C LEU A 310 -2.35 -19.18 28.15
N GLY A 311 -1.99 -18.87 29.38
CA GLY A 311 -2.25 -17.56 29.89
C GLY A 311 -1.29 -16.94 30.89
N SER A 312 -1.71 -15.79 31.42
CA SER A 312 -1.06 -15.15 32.52
C SER A 312 -1.72 -15.63 33.81
N PRO A 313 -1.02 -15.40 34.94
CA PRO A 313 -1.68 -15.73 36.21
C PRO A 313 -2.91 -14.85 36.52
N SER A 314 -3.22 -13.83 35.71
CA SER A 314 -4.45 -13.06 35.86
C SER A 314 -5.77 -13.88 35.72
N VAL A 315 -5.68 -14.99 35.00
CA VAL A 315 -6.77 -15.94 34.85
C VAL A 315 -7.12 -16.75 36.11
N ASP A 316 -8.29 -16.43 36.66
CA ASP A 316 -8.81 -17.11 37.79
C ASP A 316 -9.35 -18.51 37.44
N GLN A 317 -9.65 -19.26 38.49
CA GLN A 317 -10.20 -20.60 38.44
C GLN A 317 -11.21 -20.76 37.30
N ALA A 318 -12.17 -19.85 37.22
CA ALA A 318 -13.30 -19.97 36.32
C ALA A 318 -12.86 -19.95 34.87
N GLY A 319 -11.91 -19.09 34.55
CA GLY A 319 -11.42 -19.01 33.17
C GLY A 319 -10.49 -20.15 32.84
N GLN A 320 -9.73 -20.65 33.82
CA GLN A 320 -8.85 -21.80 33.53
C GLN A 320 -9.68 -23.06 33.28
N GLU A 321 -10.85 -23.05 33.88
CA GLU A 321 -11.71 -24.19 33.85
C GLU A 321 -12.39 -24.25 32.49
N VAL A 322 -12.20 -23.25 31.62
CA VAL A 322 -12.92 -23.37 30.37
C VAL A 322 -12.16 -24.33 29.47
N PHE A 323 -10.86 -24.47 29.74
CA PHE A 323 -10.00 -25.33 28.95
C PHE A 323 -9.84 -26.70 29.54
N ASP A 324 -9.40 -27.69 28.76
CA ASP A 324 -9.13 -29.03 29.34
C ASP A 324 -7.84 -29.02 30.15
N GLU A 325 -6.89 -28.21 29.73
CA GLU A 325 -5.54 -28.11 30.27
C GLU A 325 -5.17 -26.65 30.22
N PHE A 326 -4.51 -26.12 31.25
CA PHE A 326 -4.14 -24.71 31.25
C PHE A 326 -2.74 -24.50 31.81
N HIS A 327 -1.97 -23.64 31.14
CA HIS A 327 -0.62 -23.43 31.53
C HIS A 327 -0.27 -21.95 31.56
N LEU A 328 0.81 -21.59 32.25
CA LEU A 328 1.30 -20.23 32.15
C LEU A 328 2.14 -20.02 30.91
N VAL A 329 2.14 -18.82 30.37
CA VAL A 329 3.11 -18.62 29.29
C VAL A 329 4.46 -18.26 29.99
N ALA A 330 5.47 -19.10 29.76
CA ALA A 330 6.81 -19.02 30.34
C ALA A 330 7.81 -18.25 29.41
N GLY A 331 8.90 -17.78 30.01
CA GLY A 331 9.90 -16.99 29.33
C GLY A 331 10.18 -15.72 30.13
N ASP A 332 11.46 -15.32 30.18
CA ASP A 332 11.87 -14.00 30.65
C ASP A 332 11.61 -12.96 29.57
N ASN A 333 11.82 -13.40 28.33
CA ASN A 333 11.90 -12.57 27.13
C ASN A 333 10.67 -12.84 26.26
N MET A 334 10.26 -11.90 25.43
CA MET A 334 9.31 -12.23 24.37
C MET A 334 9.74 -13.51 23.63
N LYS A 335 11.05 -13.63 23.38
CA LYS A 335 11.62 -14.79 22.71
C LYS A 335 11.31 -16.14 23.37
N GLN A 336 11.33 -16.23 24.70
CA GLN A 336 11.10 -17.53 25.35
C GLN A 336 9.64 -17.84 25.47
N LYS A 337 8.84 -16.79 25.69
CA LYS A 337 7.36 -16.81 25.57
C LYS A 337 6.89 -17.36 24.21
N LEU A 338 7.36 -16.81 23.10
CA LEU A 338 7.13 -17.45 21.77
C LEU A 338 7.51 -18.95 21.66
N GLU A 339 8.71 -19.28 22.09
CA GLU A 339 9.18 -20.65 22.04
C GLU A 339 8.36 -21.53 22.95
N PHE A 340 7.89 -21.02 24.08
CA PHE A 340 7.02 -21.86 24.89
C PHE A 340 5.70 -22.15 24.17
N ILE A 341 5.09 -21.08 23.65
CA ILE A 341 3.94 -21.22 22.81
C ILE A 341 4.24 -22.21 21.65
N ARG A 342 5.39 -22.04 20.98
CA ARG A 342 5.77 -23.03 19.97
C ARG A 342 5.85 -24.46 20.53
N SER A 343 6.46 -24.64 21.72
CA SER A 343 6.73 -25.98 22.23
C SER A 343 5.43 -26.69 22.55
N VAL A 344 4.36 -25.94 22.82
CA VAL A 344 3.07 -26.58 23.14
C VAL A 344 2.33 -27.05 21.86
N CYS A 345 2.31 -26.18 20.87
CA CYS A 345 1.78 -26.52 19.56
C CYS A 345 2.60 -27.68 18.90
N GLU A 346 3.94 -27.58 18.97
CA GLU A 346 4.80 -28.64 18.49
C GLU A 346 4.47 -29.95 19.19
N SER A 347 4.57 -30.02 20.52
CA SER A 347 4.39 -31.28 21.19
C SER A 347 3.02 -31.91 20.93
N ASN A 348 1.96 -31.10 20.87
CA ASN A 348 0.64 -31.62 20.73
C ASN A 348 0.28 -31.72 19.25
N GLY A 349 1.14 -31.22 18.38
CA GLY A 349 0.78 -31.06 16.97
C GLY A 349 -0.56 -30.33 16.86
N ALA A 350 -0.64 -29.08 17.34
CA ALA A 350 -1.94 -28.36 17.36
C ALA A 350 -2.66 -28.32 15.99
N ALA A 351 -3.97 -28.45 15.98
CA ALA A 351 -4.73 -28.22 14.75
C ALA A 351 -5.10 -26.77 14.58
N ILE A 352 -5.57 -26.17 15.67
CA ILE A 352 -6.09 -24.82 15.61
C ILE A 352 -5.35 -23.97 16.58
N PHE A 353 -4.98 -22.76 16.15
CA PHE A 353 -4.44 -21.74 17.02
C PHE A 353 -5.36 -20.55 17.03
N TYR A 354 -5.77 -20.17 18.24
CA TYR A 354 -6.90 -19.31 18.44
C TYR A 354 -6.68 -18.25 19.52
N MET A 355 -6.99 -17.02 19.16
CA MET A 355 -6.90 -15.95 20.10
C MET A 355 -8.19 -15.18 20.19
N PRO A 356 -9.00 -15.43 21.23
CA PRO A 356 -10.29 -14.76 21.29
C PRO A 356 -10.17 -13.27 21.39
N SER A 357 -9.00 -12.79 21.79
CA SER A 357 -8.70 -11.35 21.75
C SER A 357 -7.25 -11.14 21.31
N ILE A 358 -7.01 -10.12 20.50
CA ILE A 358 -5.63 -9.82 20.14
C ILE A 358 -5.42 -8.31 20.12
N GLY A 359 -4.34 -7.85 20.72
CA GLY A 359 -4.20 -6.42 20.80
C GLY A 359 -3.88 -5.93 22.18
N MET A 360 -4.43 -6.58 23.19
CA MET A 360 -4.32 -6.01 24.53
C MET A 360 -2.93 -6.20 25.15
N ASP A 361 -2.22 -7.19 24.66
CA ASP A 361 -1.01 -7.68 25.26
C ASP A 361 -0.13 -7.85 24.03
N MET A 362 1.17 -7.82 24.19
CA MET A 362 2.05 -7.70 23.03
C MET A 362 2.33 -9.09 22.53
N THR A 363 2.20 -10.04 23.43
CA THR A 363 2.67 -11.35 23.09
C THR A 363 1.66 -11.98 22.20
N THR A 364 0.46 -11.47 22.26
CA THR A 364 -0.57 -11.90 21.35
C THR A 364 -0.32 -11.42 19.89
N ILE A 365 0.30 -10.26 19.76
CA ILE A 365 0.53 -9.64 18.48
C ILE A 365 1.78 -10.23 17.89
N PHE A 366 2.62 -10.76 18.76
CA PHE A 366 3.81 -11.40 18.29
C PHE A 366 3.50 -12.75 17.70
N ALA A 367 2.64 -13.48 18.42
CA ALA A 367 2.20 -14.80 17.98
C ALA A 367 1.38 -14.77 16.69
N SER A 368 0.72 -13.67 16.39
CA SER A 368 -0.07 -13.60 15.17
C SER A 368 0.83 -13.26 13.97
N ASN A 369 2.12 -13.16 14.20
CA ASN A 369 3.08 -13.01 13.11
C ASN A 369 3.96 -14.24 12.99
N THR A 370 3.29 -15.38 13.05
CA THR A 370 3.97 -16.61 13.34
C THR A 370 3.10 -17.79 12.86
N ARG A 371 3.74 -18.86 12.41
CA ARG A 371 2.96 -20.02 12.02
C ARG A 371 3.09 -21.16 13.03
N LEU A 372 1.97 -21.59 13.61
CA LEU A 372 1.98 -22.52 14.77
C LEU A 372 0.97 -23.64 14.66
N ALA A 373 -0.09 -23.44 13.86
CA ALA A 373 -0.99 -24.52 13.53
C ALA A 373 -1.47 -24.29 12.12
N PRO A 374 -2.10 -25.32 11.51
CA PRO A 374 -2.60 -25.18 10.12
C PRO A 374 -3.61 -24.06 10.02
N ILE A 375 -4.47 -23.95 11.04
CA ILE A 375 -5.55 -23.01 11.04
C ILE A 375 -5.37 -22.03 12.22
N GLN A 376 -5.35 -20.72 11.90
CA GLN A 376 -5.07 -19.70 12.89
C GLN A 376 -6.17 -18.66 12.81
N ALA A 377 -6.77 -18.36 13.94
CA ALA A 377 -7.95 -17.52 13.96
C ALA A 377 -7.93 -16.65 15.18
N ILE A 378 -8.53 -15.47 15.06
CA ILE A 378 -8.75 -14.62 16.19
C ILE A 378 -10.23 -14.49 16.38
N ALA A 379 -10.64 -13.86 17.48
CA ALA A 379 -12.00 -13.39 17.63
C ALA A 379 -11.84 -11.92 17.93
N LEU A 380 -12.92 -11.25 18.30
CA LEU A 380 -12.97 -9.81 18.40
C LEU A 380 -13.09 -9.31 19.83
N GLY A 381 -12.37 -9.91 20.77
CA GLY A 381 -12.24 -9.28 22.09
C GLY A 381 -11.87 -7.80 21.91
N HIS A 382 -10.77 -7.55 21.18
CA HIS A 382 -10.53 -6.23 20.63
C HIS A 382 -11.04 -6.28 19.17
N PRO A 383 -12.04 -5.43 18.84
CA PRO A 383 -12.78 -5.55 17.57
C PRO A 383 -12.11 -4.93 16.36
N ALA A 384 -11.01 -5.52 15.90
CA ALA A 384 -10.30 -4.92 14.77
C ALA A 384 -9.48 -5.93 14.05
N THR A 385 -9.54 -5.90 12.72
CA THR A 385 -8.76 -6.80 11.84
C THR A 385 -7.29 -6.75 12.19
N THR A 386 -6.58 -7.86 12.05
CA THR A 386 -5.13 -7.85 12.38
C THR A 386 -4.21 -7.34 11.27
N HIS A 387 -4.73 -7.29 10.04
CA HIS A 387 -3.86 -7.21 8.86
C HIS A 387 -2.63 -8.15 8.88
N SER A 388 -2.75 -9.34 9.44
CA SER A 388 -1.68 -10.29 9.46
C SER A 388 -1.89 -11.40 8.46
N ASP A 389 -0.88 -11.72 7.65
CA ASP A 389 -1.04 -12.77 6.62
C ASP A 389 -1.01 -14.16 7.21
N PHE A 390 -0.70 -14.27 8.50
CA PHE A 390 -0.68 -15.57 9.15
C PHE A 390 -1.97 -15.88 9.91
N ILE A 391 -2.98 -14.99 9.84
CA ILE A 391 -4.26 -15.29 10.49
C ILE A 391 -5.34 -15.53 9.45
N GLU A 392 -5.73 -16.79 9.26
CA GLU A 392 -6.76 -17.12 8.26
C GLU A 392 -8.18 -16.61 8.56
N TYR A 393 -8.66 -16.74 9.80
CA TYR A 393 -10.07 -16.41 10.11
C TYR A 393 -10.31 -15.56 11.31
N VAL A 394 -11.49 -14.95 11.31
CA VAL A 394 -12.01 -14.18 12.41
C VAL A 394 -13.31 -14.83 12.79
N ILE A 395 -13.55 -15.08 14.06
CA ILE A 395 -14.85 -15.53 14.50
C ILE A 395 -15.64 -14.32 14.86
N VAL A 396 -16.89 -14.24 14.42
CA VAL A 396 -17.71 -13.07 14.72
C VAL A 396 -19.17 -13.44 14.62
N GLU A 397 -19.99 -12.80 15.42
CA GLU A 397 -21.42 -12.94 15.32
C GLU A 397 -21.95 -12.23 14.05
N ASP A 398 -22.65 -12.99 13.20
CA ASP A 398 -23.30 -12.44 12.01
C ASP A 398 -24.03 -11.06 12.17
N ASP A 399 -24.86 -11.03 13.19
CA ASP A 399 -25.50 -9.86 13.72
C ASP A 399 -24.57 -8.61 13.68
N TYR A 400 -23.26 -8.78 13.86
CA TYR A 400 -22.41 -7.65 14.27
C TYR A 400 -21.51 -7.14 13.16
N VAL A 401 -21.49 -7.80 12.02
CA VAL A 401 -20.65 -7.28 10.95
C VAL A 401 -21.38 -6.32 9.99
N GLY A 402 -20.76 -5.18 9.72
CA GLY A 402 -21.25 -4.32 8.66
C GLY A 402 -20.63 -4.80 7.35
N SER A 403 -19.42 -4.29 7.05
CA SER A 403 -18.69 -4.59 5.81
C SER A 403 -17.55 -5.64 5.92
N GLU A 404 -17.52 -6.60 5.00
CA GLU A 404 -16.50 -7.65 5.01
C GLU A 404 -15.08 -7.16 4.63
N GLU A 405 -15.04 -6.02 3.92
CA GLU A 405 -13.81 -5.36 3.42
C GLU A 405 -12.94 -4.76 4.56
N CYS A 406 -13.57 -4.51 5.72
CA CYS A 406 -12.88 -4.12 6.95
C CYS A 406 -11.86 -5.14 7.49
N PHE A 407 -11.91 -6.35 6.96
CA PHE A 407 -11.04 -7.41 7.41
C PHE A 407 -10.20 -8.04 6.30
N SER A 408 -8.90 -8.02 6.51
CA SER A 408 -7.97 -8.78 5.70
C SER A 408 -8.19 -10.27 5.95
N GLU A 409 -8.57 -10.68 7.17
CA GLU A 409 -8.85 -12.12 7.44
C GLU A 409 -10.19 -12.55 6.78
N THR A 410 -10.47 -13.84 6.71
CA THR A 410 -11.79 -14.19 6.23
C THR A 410 -12.73 -14.39 7.42
N LEU A 411 -13.83 -13.64 7.43
CA LEU A 411 -14.83 -13.73 8.52
C LEU A 411 -15.48 -15.05 8.57
N LEU A 412 -15.59 -15.58 9.77
CA LEU A 412 -16.32 -16.82 10.03
C LEU A 412 -17.59 -16.48 10.80
N ARG A 413 -18.59 -16.00 10.06
CA ARG A 413 -19.82 -15.40 10.60
C ARG A 413 -20.78 -16.38 11.28
N LEU A 414 -20.79 -16.39 12.61
CA LEU A 414 -21.63 -17.28 13.40
C LEU A 414 -23.04 -16.73 13.58
N PRO A 415 -24.04 -17.64 13.76
CA PRO A 415 -25.42 -17.30 14.13
C PRO A 415 -25.45 -16.35 15.31
N LYS A 416 -26.55 -15.62 15.47
CA LYS A 416 -26.52 -14.55 16.45
C LYS A 416 -26.68 -14.97 17.92
N ASP A 417 -26.99 -16.24 18.13
CA ASP A 417 -27.06 -16.78 19.50
C ASP A 417 -25.91 -17.73 19.68
N ALA A 418 -24.93 -17.63 18.80
CA ALA A 418 -23.83 -18.60 18.83
C ALA A 418 -22.85 -18.31 19.98
N LEU A 419 -22.79 -17.05 20.39
CA LEU A 419 -21.87 -16.60 21.44
C LEU A 419 -22.63 -16.12 22.69
N PRO A 420 -23.18 -17.05 23.45
CA PRO A 420 -23.94 -16.72 24.65
C PRO A 420 -23.10 -16.07 25.76
N TYR A 421 -23.53 -14.89 26.21
CA TYR A 421 -22.87 -14.17 27.28
C TYR A 421 -22.98 -14.73 28.72
N VAL A 422 -21.93 -14.57 29.51
CA VAL A 422 -22.13 -14.82 30.92
C VAL A 422 -22.53 -13.49 31.60
N PRO A 423 -23.61 -13.51 32.39
CA PRO A 423 -24.07 -12.40 33.23
C PRO A 423 -23.01 -11.96 34.24
N SER A 424 -22.74 -10.67 34.33
CA SER A 424 -21.82 -10.18 35.35
C SER A 424 -22.45 -10.46 36.73
N ALA A 425 -21.66 -10.88 37.72
CA ALA A 425 -22.22 -11.12 39.07
C ALA A 425 -22.56 -9.82 39.81
N LEU A 426 -22.28 -8.68 39.16
CA LEU A 426 -22.58 -7.37 39.75
C LEU A 426 -23.92 -6.80 39.29
N ALA A 427 -24.77 -7.65 38.72
CA ALA A 427 -25.99 -7.18 38.14
C ALA A 427 -26.92 -7.04 39.29
N PRO A 428 -27.55 -5.89 39.41
CA PRO A 428 -28.49 -5.76 40.51
C PRO A 428 -29.69 -6.73 40.34
N GLU A 429 -30.26 -7.19 41.45
CA GLU A 429 -31.42 -8.10 41.44
C GLU A 429 -32.76 -7.38 41.49
N LYS A 430 -32.70 -6.13 41.92
CA LYS A 430 -33.90 -5.31 41.97
C LYS A 430 -33.74 -4.08 41.11
N VAL A 431 -34.86 -3.42 40.91
CA VAL A 431 -34.94 -2.22 40.16
C VAL A 431 -35.69 -1.14 40.94
N ASP A 432 -35.65 0.06 40.42
CA ASP A 432 -36.35 1.20 40.94
C ASP A 432 -36.40 2.15 39.73
N TYR A 433 -37.29 1.87 38.80
CA TYR A 433 -37.31 2.63 37.55
C TYR A 433 -37.81 4.07 37.72
N LEU A 434 -37.06 5.01 37.17
CA LEU A 434 -37.32 6.44 37.35
C LEU A 434 -37.83 7.04 36.06
N LEU A 435 -39.15 7.20 36.01
CA LEU A 435 -39.84 7.55 34.78
C LEU A 435 -40.35 8.99 34.87
N ARG A 436 -39.40 9.94 34.93
CA ARG A 436 -39.70 11.33 35.28
C ARG A 436 -40.71 12.01 34.35
N GLU A 437 -41.87 12.36 34.91
CA GLU A 437 -42.99 12.88 34.12
C GLU A 437 -42.81 14.38 33.89
N ASN A 438 -42.56 15.13 34.96
CA ASN A 438 -42.07 16.48 34.74
C ASN A 438 -40.53 16.52 34.79
N PRO A 439 -39.91 16.58 33.59
CA PRO A 439 -38.49 16.93 33.51
C PRO A 439 -38.33 18.36 32.93
N GLU A 440 -38.21 19.30 33.86
CA GLU A 440 -37.56 20.57 33.56
C GLU A 440 -36.35 20.36 32.59
N VAL A 441 -35.41 19.52 33.04
CA VAL A 441 -34.16 19.22 32.35
C VAL A 441 -34.24 17.79 31.83
N VAL A 442 -33.67 17.51 30.67
CA VAL A 442 -33.58 16.17 30.23
C VAL A 442 -32.14 15.72 30.29
N ASN A 443 -31.87 14.95 31.34
CA ASN A 443 -30.64 14.30 31.58
C ASN A 443 -30.38 13.20 30.59
N ILE A 444 -29.13 13.16 30.13
CA ILE A 444 -28.67 12.27 29.08
C ILE A 444 -27.36 11.67 29.59
N GLY A 445 -27.26 10.36 29.62
CA GLY A 445 -26.06 9.68 30.10
C GLY A 445 -25.19 9.15 28.96
N ILE A 446 -23.88 9.20 29.17
CA ILE A 446 -22.92 8.66 28.23
C ILE A 446 -22.06 7.69 28.98
N ALA A 447 -22.07 6.40 28.63
CA ALA A 447 -21.10 5.46 29.21
C ALA A 447 -19.88 5.42 28.30
N SER A 448 -18.70 5.69 28.80
CA SER A 448 -17.63 5.71 27.83
C SER A 448 -16.21 5.52 28.43
N THR A 449 -15.29 4.97 27.66
CA THR A 449 -13.93 5.07 28.07
C THR A 449 -13.37 6.37 27.50
N THR A 450 -12.18 6.75 27.98
CA THR A 450 -11.51 7.89 27.41
C THR A 450 -11.09 7.66 25.97
N MET A 451 -10.79 6.44 25.53
CA MET A 451 -10.35 6.30 24.12
C MET A 451 -11.51 6.58 23.15
N LYS A 452 -12.75 6.45 23.63
CA LYS A 452 -13.90 6.54 22.74
C LYS A 452 -14.21 8.01 22.47
N LEU A 453 -13.61 8.90 23.26
CA LEU A 453 -13.89 10.27 23.14
C LEU A 453 -13.14 10.86 21.93
N ASN A 454 -13.86 11.57 21.07
CA ASN A 454 -13.23 12.25 19.95
C ASN A 454 -13.89 13.58 19.67
N PRO A 455 -13.31 14.36 18.75
CA PRO A 455 -13.86 15.66 18.38
C PRO A 455 -15.17 15.48 17.67
N TYR A 456 -15.31 14.42 16.92
CA TYR A 456 -16.53 14.20 16.17
C TYR A 456 -17.69 13.83 17.10
N PHE A 457 -17.39 13.14 18.19
CA PHE A 457 -18.44 12.66 19.04
C PHE A 457 -18.93 13.85 19.81
N LEU A 458 -17.99 14.68 20.25
CA LEU A 458 -18.36 15.78 21.11
C LEU A 458 -19.04 16.93 20.36
N GLU A 459 -18.68 17.08 19.08
CA GLU A 459 -19.27 18.08 18.21
C GLU A 459 -20.75 17.70 18.08
N ALA A 460 -20.99 16.41 17.92
CA ALA A 460 -22.33 15.92 17.81
C ALA A 460 -23.19 16.20 19.04
N LEU A 461 -22.64 16.07 20.24
CA LEU A 461 -23.38 16.36 21.44
C LEU A 461 -23.64 17.85 21.62
N LYS A 462 -22.68 18.68 21.17
CA LYS A 462 -22.89 20.14 21.09
C LYS A 462 -24.08 20.46 20.25
N ALA A 463 -24.16 19.92 19.06
CA ALA A 463 -25.31 20.20 18.23
C ALA A 463 -26.64 19.79 18.92
N ILE A 464 -26.61 18.65 19.65
CA ILE A 464 -27.82 18.12 20.25
C ILE A 464 -28.21 19.16 21.24
N ARG A 465 -27.27 19.62 22.05
CA ARG A 465 -27.57 20.65 23.05
C ARG A 465 -28.06 21.98 22.46
N ASP A 466 -27.61 22.31 21.25
CA ASP A 466 -27.84 23.59 20.70
C ASP A 466 -29.18 23.61 19.99
N ARG A 467 -29.44 22.62 19.14
CA ARG A 467 -30.67 22.60 18.38
C ARG A 467 -31.90 22.02 19.08
N ALA A 468 -31.83 21.70 20.36
CA ALA A 468 -32.95 21.01 21.05
C ALA A 468 -33.75 22.06 21.77
N LYS A 469 -35.04 22.12 21.49
CA LYS A 469 -35.95 23.07 22.19
C LYS A 469 -35.98 22.77 23.70
N VAL A 470 -35.83 21.51 24.10
CA VAL A 470 -35.75 21.22 25.55
C VAL A 470 -34.36 21.48 26.10
N LYS A 471 -34.28 21.80 27.37
CA LYS A 471 -33.01 21.95 28.02
C LYS A 471 -32.46 20.54 28.38
N VAL A 472 -31.15 20.32 28.14
CA VAL A 472 -30.48 19.04 28.47
C VAL A 472 -29.25 19.15 29.40
N HIS A 473 -28.86 18.04 30.00
CA HIS A 473 -27.59 17.96 30.74
C HIS A 473 -27.05 16.58 30.47
N PHE A 474 -25.73 16.51 30.35
CA PHE A 474 -25.04 15.29 29.93
C PHE A 474 -24.24 14.76 31.11
N HIS A 475 -24.52 13.55 31.50
CA HIS A 475 -23.77 12.95 32.60
C HIS A 475 -22.81 11.90 32.01
N PHE A 476 -21.54 12.23 32.09
CA PHE A 476 -20.57 11.36 31.50
C PHE A 476 -20.06 10.43 32.60
N ALA A 477 -20.22 9.11 32.40
CA ALA A 477 -19.67 8.18 33.35
C ALA A 477 -18.45 7.58 32.72
N LEU A 478 -17.27 8.10 33.10
CA LEU A 478 -16.02 7.66 32.44
C LEU A 478 -15.37 6.45 33.16
N GLY A 479 -14.92 5.46 32.40
CA GLY A 479 -14.23 4.29 32.98
C GLY A 479 -12.74 4.59 33.11
N GLN A 480 -12.30 5.58 32.36
CA GLN A 480 -10.88 5.73 32.14
C GLN A 480 -10.16 6.80 32.97
N SER A 481 -10.95 7.61 33.70
CA SER A 481 -10.45 8.89 34.15
C SER A 481 -9.87 8.85 35.51
N ASN A 482 -8.60 8.53 35.50
CA ASN A 482 -7.88 8.27 36.69
C ASN A 482 -6.91 9.41 36.87
N GLY A 483 -6.63 9.77 38.11
CA GLY A 483 -5.57 10.67 38.46
C GLY A 483 -5.37 11.73 37.42
N ILE A 484 -4.17 11.79 36.85
CA ILE A 484 -3.77 12.98 36.08
C ILE A 484 -4.44 13.08 34.73
N THR A 485 -5.11 12.00 34.32
CA THR A 485 -5.87 12.02 33.08
C THR A 485 -7.08 12.95 33.21
N HIS A 486 -7.69 12.97 34.41
CA HIS A 486 -9.05 13.45 34.54
C HIS A 486 -9.29 14.97 34.33
N PRO A 487 -8.45 15.82 34.92
CA PRO A 487 -8.70 17.25 34.69
C PRO A 487 -8.71 17.66 33.22
N TYR A 488 -7.80 17.10 32.43
CA TYR A 488 -7.69 17.35 31.00
C TYR A 488 -8.97 16.83 30.33
N VAL A 489 -9.36 15.60 30.59
CA VAL A 489 -10.61 15.16 29.99
C VAL A 489 -11.75 16.03 30.43
N GLU A 490 -11.71 16.51 31.66
CA GLU A 490 -12.72 17.45 32.11
C GLU A 490 -12.68 18.73 31.28
N ARG A 491 -11.47 19.26 31.02
CA ARG A 491 -11.32 20.51 30.24
C ARG A 491 -11.86 20.33 28.86
N PHE A 492 -11.56 19.19 28.28
CA PHE A 492 -11.97 18.81 26.95
C PHE A 492 -13.46 18.94 26.85
N ILE A 493 -14.16 18.12 27.63
CA ILE A 493 -15.62 18.10 27.64
C ILE A 493 -16.21 19.50 27.93
N LYS A 494 -15.64 20.23 28.89
CA LYS A 494 -16.14 21.61 29.15
C LYS A 494 -16.10 22.61 27.97
N SER A 495 -15.11 22.41 27.08
CA SER A 495 -14.84 23.28 25.93
C SER A 495 -15.97 23.26 24.89
N TYR A 496 -16.75 22.16 24.92
CA TYR A 496 -17.90 21.96 24.02
C TYR A 496 -19.21 22.16 24.73
N LEU A 497 -19.31 21.84 26.02
CA LEU A 497 -20.61 21.82 26.67
C LEU A 497 -20.72 22.67 27.96
N GLY A 498 -19.59 23.19 28.43
CA GLY A 498 -19.60 23.99 29.61
C GLY A 498 -20.50 23.38 30.63
N ASP A 499 -21.50 24.13 31.03
CA ASP A 499 -22.29 23.79 32.18
C ASP A 499 -23.41 22.81 31.91
N SER A 500 -23.55 22.37 30.67
CA SER A 500 -24.48 21.35 30.32
C SER A 500 -23.89 19.94 30.41
N ALA A 501 -22.72 19.81 31.03
CA ALA A 501 -22.06 18.55 31.22
C ALA A 501 -21.31 18.33 32.58
N THR A 502 -21.34 17.07 33.01
CA THR A 502 -20.71 16.64 34.23
C THR A 502 -19.87 15.48 33.80
N ALA A 503 -18.60 15.60 34.10
CA ALA A 503 -17.68 14.56 33.86
C ALA A 503 -17.41 13.97 35.19
N HIS A 504 -18.04 12.84 35.44
CA HIS A 504 -17.78 12.03 36.64
C HIS A 504 -16.53 11.21 36.45
N PRO A 505 -15.64 11.24 37.43
CA PRO A 505 -14.44 10.37 37.49
C PRO A 505 -14.77 8.87 37.54
N HIS A 506 -13.73 8.03 37.40
CA HIS A 506 -13.96 6.60 37.36
C HIS A 506 -14.61 6.21 38.68
N SER A 507 -15.71 5.45 38.60
CA SER A 507 -16.44 5.00 39.78
C SER A 507 -16.76 3.49 39.71
N PRO A 508 -16.98 2.83 40.87
CA PRO A 508 -17.27 1.40 40.81
C PRO A 508 -18.67 1.17 40.30
N TYR A 509 -18.95 -0.06 39.84
CA TYR A 509 -20.17 -0.39 39.15
C TYR A 509 -21.43 0.25 39.74
N HIS A 510 -21.64 0.09 41.05
CA HIS A 510 -22.84 0.58 41.74
C HIS A 510 -23.08 2.09 41.64
N GLN A 511 -22.04 2.87 41.96
CA GLN A 511 -22.06 4.35 41.84
C GLN A 511 -22.26 4.78 40.37
N TYR A 512 -21.77 3.94 39.46
CA TYR A 512 -21.93 4.12 38.04
C TYR A 512 -23.34 3.89 37.64
N LEU A 513 -23.96 2.79 38.09
CA LEU A 513 -25.38 2.58 37.76
C LEU A 513 -26.20 3.72 38.33
N ARG A 514 -25.76 4.23 39.46
CA ARG A 514 -26.47 5.30 40.13
C ARG A 514 -26.53 6.63 39.33
N ILE A 515 -25.46 6.91 38.58
CA ILE A 515 -25.45 8.02 37.65
C ILE A 515 -26.33 7.79 36.47
N LEU A 516 -26.26 6.63 35.85
CA LEU A 516 -27.19 6.45 34.70
C LEU A 516 -28.63 6.47 35.14
N HIS A 517 -28.88 5.91 36.32
CA HIS A 517 -30.20 5.75 36.84
C HIS A 517 -30.89 7.13 37.03
N ASN A 518 -30.14 8.22 37.14
CA ASN A 518 -30.80 9.53 37.24
C ASN A 518 -30.85 10.24 35.89
N CYS A 519 -30.86 9.45 34.82
CA CYS A 519 -30.94 9.99 33.48
C CYS A 519 -32.23 9.62 32.85
N ASP A 520 -32.57 10.25 31.75
CA ASP A 520 -33.83 10.02 31.08
C ASP A 520 -33.60 9.20 29.84
N MET A 521 -32.41 9.31 29.30
CA MET A 521 -32.03 8.63 28.08
C MET A 521 -30.52 8.63 28.03
N MET A 522 -30.03 7.79 27.13
CA MET A 522 -28.62 7.72 26.82
C MET A 522 -28.32 7.91 25.32
N VAL A 523 -27.10 8.36 25.05
CA VAL A 523 -26.57 8.42 23.66
C VAL A 523 -25.24 7.65 23.66
N ASN A 524 -24.93 6.96 22.57
CA ASN A 524 -23.76 6.16 22.54
C ASN A 524 -22.66 6.67 21.71
N PRO A 525 -21.42 6.54 22.17
CA PRO A 525 -20.26 7.09 21.47
C PRO A 525 -20.03 6.50 20.11
N PHE A 526 -19.36 7.26 19.23
CA PHE A 526 -18.90 6.68 17.97
C PHE A 526 -17.55 7.29 17.59
N PRO A 527 -16.79 6.61 16.74
CA PRO A 527 -17.16 5.45 15.93
C PRO A 527 -17.16 4.08 16.67
N PHE A 528 -16.36 3.97 17.73
CA PHE A 528 -16.27 2.75 18.54
C PHE A 528 -17.49 2.69 19.41
N GLY A 529 -18.33 1.71 19.21
CA GLY A 529 -19.53 1.68 20.04
C GLY A 529 -19.32 1.08 21.42
N ASN A 530 -20.45 0.89 22.10
CA ASN A 530 -20.48 0.15 23.35
C ASN A 530 -21.07 -1.23 23.17
N THR A 531 -20.89 -2.07 24.18
CA THR A 531 -21.58 -3.34 24.33
C THR A 531 -22.06 -3.38 25.76
N ASN A 532 -21.15 -3.22 26.71
CA ASN A 532 -21.58 -3.17 28.11
C ASN A 532 -22.55 -2.02 28.41
N GLY A 533 -22.28 -0.87 27.85
CA GLY A 533 -23.11 0.26 28.15
C GLY A 533 -24.53 -0.07 27.76
N ILE A 534 -24.72 -0.76 26.65
CA ILE A 534 -26.04 -1.05 26.19
C ILE A 534 -26.83 -2.01 27.11
N ILE A 535 -26.15 -2.98 27.70
CA ILE A 535 -26.76 -3.90 28.59
C ILE A 535 -27.10 -3.13 29.84
N ASP A 536 -26.26 -2.16 30.18
CA ASP A 536 -26.55 -1.37 31.34
C ASP A 536 -27.78 -0.52 31.09
N MET A 537 -27.76 0.22 29.99
CA MET A 537 -28.90 0.99 29.60
C MET A 537 -30.23 0.20 29.66
N VAL A 538 -30.22 -1.05 29.22
CA VAL A 538 -31.47 -1.79 29.13
C VAL A 538 -31.86 -2.32 30.52
N THR A 539 -30.90 -2.81 31.26
CA THR A 539 -31.10 -3.07 32.68
C THR A 539 -31.81 -1.95 33.37
N LEU A 540 -31.46 -0.69 33.12
CA LEU A 540 -32.15 0.40 33.82
C LEU A 540 -33.40 0.89 33.10
N GLY A 541 -33.81 0.17 32.06
CA GLY A 541 -35.07 0.51 31.39
C GLY A 541 -35.01 1.89 30.77
N LEU A 542 -33.79 2.21 30.35
CA LEU A 542 -33.49 3.41 29.67
C LEU A 542 -33.34 3.05 28.20
N VAL A 543 -33.39 4.09 27.37
CA VAL A 543 -33.34 3.96 25.94
C VAL A 543 -32.39 5.01 25.36
N GLY A 544 -31.92 4.79 24.13
CA GLY A 544 -31.05 5.79 23.49
C GLY A 544 -30.67 5.65 22.02
N VAL A 545 -29.70 6.45 21.59
CA VAL A 545 -29.34 6.50 20.22
C VAL A 545 -27.92 6.01 20.05
N CYS A 546 -27.69 5.16 19.06
CA CYS A 546 -26.35 4.81 18.63
C CYS A 546 -26.12 5.12 17.15
N LYS A 547 -24.84 5.24 16.74
CA LYS A 547 -24.50 5.42 15.33
C LYS A 547 -23.97 4.11 14.82
N THR A 548 -24.46 3.67 13.67
CA THR A 548 -23.92 2.49 13.04
C THR A 548 -22.93 2.82 11.95
N GLY A 549 -22.29 1.80 11.43
CA GLY A 549 -21.27 1.96 10.43
C GLY A 549 -20.64 0.67 9.96
N ALA A 550 -19.63 0.78 9.12
CA ALA A 550 -19.13 -0.40 8.45
C ALA A 550 -18.24 -1.31 9.28
N GLU A 551 -17.33 -0.78 10.12
CA GLU A 551 -16.53 -1.68 11.02
C GLU A 551 -17.42 -2.42 12.03
N VAL A 552 -17.07 -3.65 12.40
CA VAL A 552 -17.77 -4.38 13.47
C VAL A 552 -17.99 -3.53 14.78
N HIS A 553 -16.97 -2.82 15.20
CA HIS A 553 -17.07 -2.03 16.40
C HIS A 553 -17.94 -0.81 16.24
N GLU A 554 -18.28 -0.48 14.99
CA GLU A 554 -19.26 0.56 14.72
C GLU A 554 -20.65 -0.08 14.62
N HIS A 555 -20.66 -1.32 14.16
CA HIS A 555 -21.88 -2.06 13.89
C HIS A 555 -22.48 -2.85 15.10
N ILE A 556 -21.69 -3.19 16.12
CA ILE A 556 -22.21 -3.90 17.31
C ILE A 556 -23.46 -3.22 17.91
N ASP A 557 -23.43 -1.91 18.11
CA ASP A 557 -24.61 -1.24 18.63
C ASP A 557 -25.92 -1.55 17.88
N GLU A 558 -25.85 -1.69 16.56
CA GLU A 558 -27.03 -1.96 15.74
C GLU A 558 -27.48 -3.36 16.00
N GLY A 559 -26.52 -4.27 15.92
CA GLY A 559 -26.73 -5.68 16.21
C GLY A 559 -27.44 -5.81 17.52
N LEU A 560 -27.03 -5.03 18.52
CA LEU A 560 -27.46 -5.23 19.89
C LEU A 560 -28.82 -4.54 20.17
N PHE A 561 -29.01 -3.32 19.68
CA PHE A 561 -30.32 -2.72 19.64
C PHE A 561 -31.37 -3.72 19.07
N LYS A 562 -31.09 -4.27 17.89
CA LYS A 562 -32.02 -5.19 17.25
C LYS A 562 -32.25 -6.39 18.15
N ARG A 563 -31.19 -6.95 18.69
CA ARG A 563 -31.35 -8.04 19.61
C ARG A 563 -32.25 -7.65 20.78
N LEU A 564 -32.12 -6.40 21.27
CA LEU A 564 -32.85 -6.01 22.50
C LEU A 564 -34.24 -5.46 22.21
N GLY A 565 -34.72 -5.67 21.00
CA GLY A 565 -36.05 -5.23 20.71
C GLY A 565 -36.20 -3.73 20.48
N LEU A 566 -35.08 -3.00 20.49
CA LEU A 566 -35.11 -1.55 20.19
C LEU A 566 -35.56 -1.18 18.79
N PRO A 567 -36.20 -0.03 18.66
CA PRO A 567 -36.69 0.28 17.32
C PRO A 567 -35.63 0.93 16.45
N GLU A 568 -35.66 0.60 15.16
CA GLU A 568 -34.61 0.95 14.22
C GLU A 568 -34.36 2.47 14.02
N TRP A 569 -35.28 3.34 14.43
CA TRP A 569 -35.00 4.79 14.26
C TRP A 569 -34.01 5.35 15.31
N LEU A 570 -33.83 4.61 16.40
CA LEU A 570 -32.77 4.86 17.34
C LEU A 570 -31.36 4.63 16.76
N ILE A 571 -31.27 3.78 15.77
CA ILE A 571 -30.02 3.52 15.06
C ILE A 571 -29.71 4.45 13.83
N ALA A 572 -28.94 5.49 14.07
CA ALA A 572 -28.53 6.44 13.04
C ALA A 572 -27.46 5.91 12.11
N ASN A 573 -27.44 6.42 10.89
CA ASN A 573 -26.39 6.07 9.90
C ASN A 573 -25.36 7.18 9.70
N THR A 574 -25.70 8.41 10.07
CA THR A 574 -24.82 9.51 9.80
C THR A 574 -24.79 10.32 11.02
N VAL A 575 -23.73 11.09 11.15
CA VAL A 575 -23.62 11.99 12.26
C VAL A 575 -24.85 12.86 12.30
N ASP A 576 -25.37 13.19 11.12
CA ASP A 576 -26.46 14.18 11.04
C ASP A 576 -27.74 13.62 11.62
N GLU A 577 -28.17 12.47 11.14
CA GLU A 577 -29.26 11.70 11.76
C GLU A 577 -29.14 11.48 13.28
N TYR A 578 -27.91 11.16 13.71
CA TYR A 578 -27.64 10.82 15.09
C TYR A 578 -28.00 12.03 15.91
N VAL A 579 -27.36 13.16 15.64
CA VAL A 579 -27.82 14.40 16.28
C VAL A 579 -29.37 14.59 16.32
N GLU A 580 -30.03 14.23 15.23
CA GLU A 580 -31.42 14.57 14.98
C GLU A 580 -32.37 13.64 15.75
N ARG A 581 -32.14 12.32 15.60
CA ARG A 581 -32.73 11.29 16.42
C ARG A 581 -32.60 11.50 17.97
N ALA A 582 -31.45 11.99 18.45
CA ALA A 582 -31.34 12.34 19.89
C ALA A 582 -32.13 13.55 20.24
N VAL A 583 -32.09 14.56 19.38
CA VAL A 583 -33.01 15.70 19.55
C VAL A 583 -34.49 15.21 19.63
N ARG A 584 -34.93 14.38 18.68
CA ARG A 584 -36.29 13.82 18.75
C ARG A 584 -36.65 13.17 20.11
N LEU A 585 -35.79 12.23 20.55
CA LEU A 585 -36.02 11.43 21.79
C LEU A 585 -35.95 12.23 23.04
N ALA A 586 -35.23 13.35 23.00
CA ALA A 586 -35.13 14.19 24.16
C ALA A 586 -36.26 15.20 24.17
N GLU A 587 -36.62 15.67 22.97
CA GLU A 587 -37.75 16.60 22.76
C GLU A 587 -39.14 15.99 22.97
N ASN A 588 -39.41 14.85 22.29
CA ASN A 588 -40.65 14.07 22.43
C ASN A 588 -40.81 13.28 23.77
N HIS A 589 -41.22 13.97 24.84
CA HIS A 589 -41.34 13.36 26.17
C HIS A 589 -42.20 12.07 26.15
N GLN A 590 -43.30 12.13 25.43
CA GLN A 590 -44.24 11.05 25.57
C GLN A 590 -43.75 9.85 24.85
N GLU A 591 -43.25 10.07 23.64
CA GLU A 591 -42.67 8.98 22.89
C GLU A 591 -41.62 8.32 23.79
N ARG A 592 -40.76 9.14 24.40
CA ARG A 592 -39.63 8.65 25.14
C ARG A 592 -40.12 7.66 26.20
N LEU A 593 -40.99 8.19 27.05
CA LEU A 593 -41.59 7.44 28.09
C LEU A 593 -42.15 6.08 27.65
N GLU A 594 -42.89 6.06 26.55
CA GLU A 594 -43.57 4.84 26.12
C GLU A 594 -42.54 3.86 25.68
N LEU A 595 -41.51 4.40 25.01
CA LEU A 595 -40.38 3.62 24.60
C LEU A 595 -39.68 2.98 25.85
N ARG A 596 -39.39 3.79 26.86
CA ARG A 596 -38.94 3.24 28.10
C ARG A 596 -39.87 2.13 28.66
N ARG A 597 -41.18 2.39 28.75
CA ARG A 597 -42.07 1.38 29.32
C ARG A 597 -42.07 0.16 28.48
N TYR A 598 -41.76 0.29 27.19
CA TYR A 598 -41.79 -0.89 26.30
C TYR A 598 -40.58 -1.76 26.59
N ILE A 599 -39.49 -1.11 26.92
CA ILE A 599 -38.27 -1.84 27.23
C ILE A 599 -38.32 -2.46 28.62
N ILE A 600 -38.74 -1.68 29.59
CA ILE A 600 -39.00 -2.22 30.89
C ILE A 600 -39.87 -3.48 30.82
N GLU A 601 -40.75 -3.55 29.83
CA GLU A 601 -41.74 -4.62 29.79
C GLU A 601 -41.43 -5.77 28.88
N ASN A 602 -40.73 -5.50 27.77
CA ASN A 602 -40.45 -6.52 26.75
C ASN A 602 -39.00 -6.61 26.51
N ASN A 603 -38.21 -7.17 27.41
CA ASN A 603 -36.78 -6.94 27.14
C ASN A 603 -35.86 -8.12 26.93
N GLY A 604 -35.22 -8.04 25.75
CA GLY A 604 -34.50 -9.15 25.17
C GLY A 604 -33.25 -9.51 25.94
N LEU A 605 -33.06 -8.93 27.12
CA LEU A 605 -31.81 -9.11 27.83
C LEU A 605 -31.58 -10.57 28.06
N ASN A 606 -32.69 -11.23 28.37
CA ASN A 606 -32.82 -12.67 28.56
C ASN A 606 -32.14 -13.42 27.43
N THR A 607 -32.42 -13.00 26.21
CA THR A 607 -31.95 -13.67 25.03
C THR A 607 -30.41 -13.62 24.78
N LEU A 608 -29.71 -12.66 25.40
CA LEU A 608 -28.21 -12.57 25.36
C LEU A 608 -27.49 -13.68 26.10
N PHE A 609 -28.11 -14.11 27.20
CA PHE A 609 -27.46 -15.03 28.13
C PHE A 609 -27.77 -16.45 27.78
N THR A 610 -28.43 -16.62 26.66
CA THR A 610 -28.59 -17.97 26.16
C THR A 610 -28.45 -18.09 24.64
N GLY A 611 -28.54 -19.33 24.14
CA GLY A 611 -28.22 -19.63 22.77
C GLY A 611 -27.50 -20.94 22.63
N ASP A 612 -27.09 -21.23 21.41
CA ASP A 612 -26.45 -22.49 21.15
C ASP A 612 -25.01 -22.13 20.80
N PRO A 613 -24.12 -22.33 21.76
CA PRO A 613 -22.70 -22.05 21.67
C PRO A 613 -21.91 -23.06 20.91
N ARG A 614 -22.56 -24.08 20.34
CA ARG A 614 -21.82 -25.16 19.62
C ARG A 614 -21.15 -24.78 18.31
N PRO A 615 -21.75 -23.87 17.53
CA PRO A 615 -21.20 -23.49 16.22
C PRO A 615 -19.71 -23.22 16.12
N MET A 616 -19.12 -22.45 17.03
CA MET A 616 -17.69 -22.16 16.83
C MET A 616 -16.90 -23.46 16.68
N GLY A 617 -17.09 -24.41 17.59
CA GLY A 617 -16.47 -25.72 17.43
C GLY A 617 -16.80 -26.49 16.12
N GLN A 618 -18.07 -26.48 15.76
CA GLN A 618 -18.48 -27.12 14.53
C GLN A 618 -17.68 -26.52 13.35
N VAL A 619 -17.73 -25.21 13.28
CA VAL A 619 -17.17 -24.48 12.14
C VAL A 619 -15.73 -24.79 12.01
N PHE A 620 -14.99 -24.76 13.09
CA PHE A 620 -13.56 -25.11 13.02
C PHE A 620 -13.26 -26.52 12.59
N LEU A 621 -14.00 -27.46 13.15
CA LEU A 621 -13.93 -28.87 12.72
C LEU A 621 -14.11 -28.98 11.17
N GLU A 622 -15.18 -28.37 10.65
CA GLU A 622 -15.35 -28.34 9.18
C GLU A 622 -14.08 -27.83 8.44
N LYS A 623 -13.50 -26.73 8.88
CA LYS A 623 -12.26 -26.26 8.26
C LYS A 623 -11.11 -27.24 8.39
N LEU A 624 -11.01 -27.89 9.54
CA LEU A 624 -9.89 -28.74 9.73
C LEU A 624 -10.08 -29.95 8.80
N ASN A 625 -11.29 -30.53 8.78
CA ASN A 625 -11.48 -31.75 7.99
C ASN A 625 -11.23 -31.48 6.52
N ALA A 626 -11.78 -30.37 6.04
CA ALA A 626 -11.42 -29.91 4.70
C ALA A 626 -9.91 -29.85 4.43
N PHE A 627 -9.12 -29.42 5.41
CA PHE A 627 -7.70 -29.25 5.19
C PHE A 627 -7.04 -30.59 5.25
N LEU A 628 -7.59 -31.49 6.03
CA LEU A 628 -7.02 -32.82 6.17
C LEU A 628 -7.01 -33.69 4.90
N LYS A 629 -7.88 -33.36 3.93
CA LYS A 629 -7.97 -33.98 2.62
C LYS A 629 -6.78 -33.65 1.69
N GLU A 630 -5.94 -32.69 2.10
CA GLU A 630 -4.66 -32.33 1.43
C GLU A 630 -3.49 -33.08 2.09
N LYS B 17 29.14 2.50 -46.39
CA LYS B 17 27.97 1.57 -46.64
C LYS B 17 28.04 0.16 -45.99
N PRO B 18 26.93 -0.31 -45.38
CA PRO B 18 27.06 -1.57 -44.63
C PRO B 18 27.15 -2.82 -45.59
N ASN B 19 28.10 -3.71 -45.34
CA ASN B 19 28.41 -4.78 -46.30
C ASN B 19 29.14 -5.98 -45.65
N VAL B 20 28.52 -7.16 -45.79
CA VAL B 20 29.02 -8.35 -45.08
C VAL B 20 30.43 -8.78 -45.53
N ALA B 21 30.56 -9.08 -46.84
CA ALA B 21 31.85 -9.40 -47.52
C ALA B 21 32.96 -8.48 -47.08
N ASN B 22 32.58 -7.22 -46.85
CA ASN B 22 33.51 -6.22 -46.39
C ASN B 22 33.84 -6.31 -44.93
N PHE B 23 32.82 -6.62 -44.12
CA PHE B 23 33.09 -6.96 -42.72
C PHE B 23 34.07 -8.13 -42.76
N GLU B 24 33.72 -9.21 -43.49
CA GLU B 24 34.57 -10.43 -43.48
C GLU B 24 36.01 -10.21 -43.96
N ALA B 25 36.15 -9.57 -45.12
CA ALA B 25 37.48 -9.14 -45.62
C ALA B 25 38.37 -8.45 -44.52
N ALA B 26 37.84 -7.45 -43.82
CA ALA B 26 38.66 -6.81 -42.81
C ALA B 26 39.06 -7.78 -41.70
N VAL B 27 38.11 -8.59 -41.28
CA VAL B 27 38.43 -9.64 -40.32
C VAL B 27 39.57 -10.57 -40.83
N ALA B 28 39.44 -11.05 -42.07
CA ALA B 28 40.46 -11.87 -42.70
C ALA B 28 41.81 -11.14 -42.73
N ALA B 29 41.78 -9.88 -43.13
CA ALA B 29 43.00 -9.08 -43.17
C ALA B 29 43.67 -8.82 -41.81
N LYS B 30 43.02 -9.25 -40.71
CA LYS B 30 43.33 -8.79 -39.34
C LYS B 30 43.47 -7.26 -39.29
N ASP B 31 42.54 -6.56 -39.91
CA ASP B 31 42.55 -5.12 -39.89
C ASP B 31 41.52 -4.66 -38.81
N TYR B 32 41.96 -4.58 -37.55
CA TYR B 32 40.99 -4.51 -36.47
C TYR B 32 40.13 -3.28 -36.52
N GLU B 33 40.76 -2.12 -36.63
CA GLU B 33 39.97 -0.89 -36.64
C GLU B 33 38.97 -0.87 -37.80
N LYS B 34 39.31 -1.51 -38.92
CA LYS B 34 38.38 -1.52 -40.05
C LYS B 34 37.33 -2.61 -39.85
N ALA B 35 37.76 -3.71 -39.24
CA ALA B 35 36.91 -4.82 -38.84
C ALA B 35 35.80 -4.29 -37.96
N CYS B 36 36.20 -3.58 -36.92
CA CYS B 36 35.24 -2.91 -36.05
C CYS B 36 34.28 -1.93 -36.75
N SER B 37 34.83 -0.97 -37.48
CA SER B 37 33.95 0.09 -37.97
C SER B 37 32.96 -0.52 -38.94
N GLU B 38 33.48 -1.49 -39.66
CA GLU B 38 32.69 -2.32 -40.56
C GLU B 38 31.62 -3.14 -39.84
N LEU B 39 31.95 -3.71 -38.70
CA LEU B 39 30.93 -4.37 -37.91
C LEU B 39 29.88 -3.35 -37.41
N LEU B 40 30.36 -2.25 -36.81
CA LEU B 40 29.43 -1.24 -36.33
C LEU B 40 28.54 -0.64 -37.39
N LEU B 41 29.07 -0.38 -38.60
CA LEU B 41 28.20 0.03 -39.68
C LEU B 41 27.03 -0.94 -39.72
N ILE B 42 27.30 -2.25 -39.69
CA ILE B 42 26.23 -3.25 -39.79
C ILE B 42 25.29 -3.18 -38.59
N LEU B 43 25.84 -2.95 -37.42
CA LEU B 43 24.97 -2.91 -36.24
C LEU B 43 24.01 -1.70 -36.29
N SER B 44 24.56 -0.48 -36.51
CA SER B 44 23.68 0.72 -36.49
C SER B 44 22.55 0.54 -37.45
N GLN B 45 22.86 -0.10 -38.58
CA GLN B 45 21.82 -0.41 -39.60
C GLN B 45 20.75 -1.39 -39.13
N LEU B 46 21.17 -2.39 -38.35
CA LEU B 46 20.19 -3.31 -37.80
C LEU B 46 19.34 -2.50 -36.82
N ASP B 47 20.03 -1.69 -36.00
CA ASP B 47 19.27 -0.79 -35.10
C ASP B 47 18.19 0.06 -35.84
N SER B 48 18.64 0.75 -36.89
CA SER B 48 17.77 1.63 -37.66
C SER B 48 16.65 0.83 -38.24
N ASN B 49 16.94 -0.36 -38.76
CA ASN B 49 15.89 -1.24 -39.28
C ASN B 49 15.05 -2.02 -38.29
N PHE B 50 15.22 -1.79 -36.99
CA PHE B 50 14.45 -2.58 -36.02
C PHE B 50 14.62 -4.08 -36.25
N GLY B 51 15.82 -4.45 -36.67
CA GLY B 51 16.20 -5.85 -36.86
C GLY B 51 16.14 -6.32 -38.28
N GLY B 52 15.53 -5.54 -39.14
CA GLY B 52 15.39 -5.94 -40.53
C GLY B 52 16.72 -5.82 -41.21
N ILE B 53 16.84 -6.42 -42.38
CA ILE B 53 18.16 -6.57 -43.07
C ILE B 53 18.17 -5.83 -44.40
N GLN B 54 17.24 -4.93 -44.57
CA GLN B 54 17.27 -4.08 -45.72
C GLN B 54 18.42 -3.14 -45.51
N GLU B 55 18.96 -2.67 -46.64
CA GLU B 55 20.10 -1.74 -46.68
C GLU B 55 21.42 -2.42 -46.26
N ILE B 56 21.39 -3.73 -45.99
CA ILE B 56 22.59 -4.55 -45.72
C ILE B 56 22.94 -5.45 -46.92
N GLU B 57 24.10 -5.22 -47.53
CA GLU B 57 24.41 -5.95 -48.76
C GLU B 57 25.15 -7.25 -48.49
N PHE B 58 24.60 -8.33 -49.04
CA PHE B 58 25.33 -9.56 -48.93
C PHE B 58 24.90 -10.54 -50.01
N GLU B 59 25.83 -11.44 -50.33
CA GLU B 59 25.54 -12.54 -51.26
C GLU B 59 24.90 -13.73 -50.55
N TYR B 60 23.96 -14.41 -51.16
CA TYR B 60 23.54 -15.69 -50.61
C TYR B 60 23.33 -16.79 -51.66
N PRO B 61 23.32 -18.06 -51.22
CA PRO B 61 23.04 -19.13 -52.19
C PRO B 61 21.65 -19.01 -52.72
N ALA B 62 21.52 -18.85 -54.03
CA ALA B 62 20.23 -18.87 -54.75
C ALA B 62 19.16 -19.70 -54.10
N GLN B 63 19.53 -20.84 -53.49
CA GLN B 63 18.53 -21.70 -52.87
C GLN B 63 17.68 -20.97 -51.86
N LEU B 64 18.19 -19.86 -51.34
CA LEU B 64 17.40 -19.15 -50.39
C LEU B 64 16.64 -17.94 -50.95
N GLN B 65 16.45 -17.82 -52.28
CA GLN B 65 15.79 -16.61 -52.82
C GLN B 65 14.45 -16.29 -52.15
N ASP B 66 13.54 -17.24 -52.20
CA ASP B 66 12.23 -16.90 -51.76
C ASP B 66 11.98 -17.48 -50.38
N LEU B 67 13.08 -17.80 -49.66
CA LEU B 67 13.01 -18.39 -48.34
C LEU B 67 13.52 -17.44 -47.28
N GLU B 68 12.64 -16.58 -46.82
CA GLU B 68 13.06 -15.43 -46.04
C GLU B 68 13.64 -15.65 -44.62
N GLN B 69 13.02 -16.52 -43.82
CA GLN B 69 13.58 -17.02 -42.56
C GLN B 69 14.97 -17.61 -42.78
N GLU B 70 15.07 -18.60 -43.69
CA GLU B 70 16.34 -19.30 -43.99
C GLU B 70 17.43 -18.34 -44.43
N LYS B 71 17.01 -17.28 -45.13
CA LYS B 71 17.94 -16.23 -45.58
C LYS B 71 18.44 -15.35 -44.43
N ILE B 72 17.52 -15.02 -43.52
CA ILE B 72 17.84 -14.30 -42.32
C ILE B 72 18.84 -15.03 -41.40
N VAL B 73 18.66 -16.36 -41.28
CA VAL B 73 19.41 -17.20 -40.34
C VAL B 73 20.79 -17.36 -40.94
N TYR B 74 20.79 -17.54 -42.26
CA TYR B 74 22.02 -17.52 -43.02
C TYR B 74 22.89 -16.26 -42.65
N PHE B 75 22.31 -15.08 -42.77
CA PHE B 75 23.00 -13.82 -42.56
C PHE B 75 23.52 -13.75 -41.13
N CYS B 76 22.67 -14.16 -40.19
CA CYS B 76 23.05 -14.29 -38.80
C CYS B 76 24.22 -15.22 -38.63
N THR B 77 24.19 -16.32 -39.39
CA THR B 77 25.26 -17.27 -39.23
C THR B 77 26.58 -16.83 -39.84
N ARG B 78 26.53 -16.13 -40.97
CA ARG B 78 27.75 -15.40 -41.42
C ARG B 78 28.31 -14.39 -40.42
N MET B 79 27.43 -13.55 -39.88
CA MET B 79 27.88 -12.53 -38.95
C MET B 79 28.44 -13.18 -37.70
N ALA B 80 27.75 -14.17 -37.22
CA ALA B 80 28.21 -14.75 -35.98
C ALA B 80 29.65 -15.35 -36.14
N THR B 81 29.89 -16.14 -37.19
CA THR B 81 31.21 -16.78 -37.32
C THR B 81 32.33 -15.74 -37.54
N ALA B 82 31.98 -14.65 -38.22
CA ALA B 82 32.94 -13.54 -38.44
C ALA B 82 33.15 -12.81 -37.15
N ILE B 83 32.09 -12.55 -36.42
CA ILE B 83 32.30 -11.85 -35.17
C ILE B 83 33.13 -12.76 -34.30
N THR B 84 32.85 -14.06 -34.38
CA THR B 84 33.62 -15.07 -33.63
C THR B 84 35.16 -14.98 -33.94
N THR B 85 35.53 -14.80 -35.20
CA THR B 85 36.95 -14.76 -35.52
C THR B 85 37.60 -13.45 -35.04
N LEU B 86 36.87 -12.34 -35.27
CA LEU B 86 37.26 -11.02 -34.81
C LEU B 86 37.53 -11.05 -33.30
N PHE B 87 36.54 -11.47 -32.50
CA PHE B 87 36.65 -11.33 -31.05
C PHE B 87 37.44 -12.43 -30.30
N SER B 88 37.81 -13.53 -30.94
CA SER B 88 38.62 -14.60 -30.29
C SER B 88 40.13 -14.35 -30.44
N ASP B 89 40.45 -13.50 -31.41
CA ASP B 89 41.79 -13.05 -31.67
C ASP B 89 42.19 -12.18 -30.50
N PRO B 90 43.20 -12.62 -29.72
CA PRO B 90 43.74 -11.91 -28.53
C PRO B 90 44.31 -10.53 -28.86
N VAL B 91 44.90 -10.41 -30.04
CA VAL B 91 45.45 -9.14 -30.52
C VAL B 91 44.37 -7.98 -30.59
N LEU B 92 43.10 -8.29 -30.34
CA LEU B 92 42.07 -7.27 -30.56
C LEU B 92 42.02 -6.19 -29.47
N GLU B 93 42.30 -4.94 -29.86
CA GLU B 93 42.18 -3.78 -28.94
C GLU B 93 40.97 -2.92 -29.32
N ILE B 94 40.14 -2.55 -28.37
CA ILE B 94 38.98 -1.72 -28.72
C ILE B 94 38.99 -0.25 -28.21
N SER B 95 39.19 0.68 -29.16
CA SER B 95 39.09 2.15 -28.91
C SER B 95 37.94 2.47 -28.00
N ASP B 96 38.20 3.22 -26.93
CA ASP B 96 37.18 3.42 -25.92
C ASP B 96 35.85 3.95 -26.50
N LEU B 97 35.94 4.61 -27.67
CA LEU B 97 34.76 5.04 -28.43
C LEU B 97 33.92 3.86 -28.96
N GLY B 98 34.57 2.92 -29.65
CA GLY B 98 33.97 1.62 -29.96
C GLY B 98 33.28 0.86 -28.81
N VAL B 99 33.93 0.75 -27.66
CA VAL B 99 33.34 0.05 -26.53
C VAL B 99 31.94 0.59 -26.22
N GLN B 100 31.88 1.90 -26.07
CA GLN B 100 30.64 2.60 -25.81
C GLN B 100 29.65 2.25 -26.90
N ARG B 101 30.11 2.24 -28.15
CA ARG B 101 29.26 1.86 -29.26
C ARG B 101 28.74 0.37 -29.22
N PHE B 102 29.63 -0.61 -29.12
CA PHE B 102 29.23 -2.00 -28.97
C PHE B 102 28.22 -2.26 -27.84
N LEU B 103 28.41 -1.58 -26.71
CA LEU B 103 27.46 -1.68 -25.60
C LEU B 103 26.06 -1.19 -26.00
N VAL B 104 25.96 -0.02 -26.66
CA VAL B 104 24.65 0.44 -27.15
C VAL B 104 24.03 -0.54 -28.14
N TYR B 105 24.87 -1.25 -28.85
CA TYR B 105 24.34 -2.23 -29.81
C TYR B 105 24.37 -3.73 -29.31
N GLN B 106 24.57 -3.98 -28.04
CA GLN B 106 24.67 -5.35 -27.63
C GLN B 106 23.46 -6.20 -28.01
N ARG B 107 22.28 -5.67 -27.81
CA ARG B 107 21.04 -6.34 -28.23
C ARG B 107 21.05 -6.82 -29.71
N TRP B 108 21.91 -6.26 -30.55
CA TRP B 108 21.91 -6.70 -31.96
C TRP B 108 22.90 -7.80 -32.20
N LEU B 109 24.07 -7.66 -31.59
CA LEU B 109 24.90 -8.82 -31.33
C LEU B 109 24.05 -10.02 -30.83
N ALA B 110 23.38 -9.83 -29.67
CA ALA B 110 22.50 -10.85 -29.05
C ALA B 110 21.72 -11.59 -30.12
N LEU B 111 20.92 -10.85 -30.92
CA LEU B 111 20.03 -11.47 -31.91
C LEU B 111 20.80 -12.17 -33.00
N ILE B 112 21.97 -11.62 -33.39
CA ILE B 112 22.83 -12.28 -34.37
C ILE B 112 23.18 -13.71 -33.87
N PHE B 113 23.57 -13.88 -32.61
CA PHE B 113 23.83 -15.25 -32.13
C PHE B 113 22.55 -16.07 -31.80
N ALA B 114 21.59 -15.42 -31.16
CA ALA B 114 20.35 -16.09 -30.73
C ALA B 114 19.55 -16.63 -31.88
N SER B 115 19.66 -15.99 -33.05
CA SER B 115 18.92 -16.50 -34.21
C SER B 115 19.82 -17.38 -35.09
N SER B 116 21.12 -17.47 -34.76
CA SER B 116 22.02 -18.40 -35.42
C SER B 116 21.92 -19.65 -34.56
N PRO B 117 22.41 -20.78 -35.11
CA PRO B 117 22.46 -22.02 -34.36
C PRO B 117 23.34 -21.93 -33.14
N PHE B 118 24.15 -20.85 -33.00
CA PHE B 118 25.07 -20.77 -31.88
C PHE B 118 24.42 -20.32 -30.55
N VAL B 119 23.25 -19.67 -30.64
CA VAL B 119 22.49 -19.32 -29.47
C VAL B 119 23.13 -18.16 -28.67
N ASN B 120 24.43 -18.26 -28.39
CA ASN B 120 25.08 -17.19 -27.72
C ASN B 120 26.53 -17.07 -28.17
N ALA B 121 27.32 -16.31 -27.41
CA ALA B 121 28.69 -16.10 -27.78
C ALA B 121 29.53 -16.71 -26.70
N ASP B 122 29.04 -17.77 -26.06
CA ASP B 122 29.85 -18.36 -24.99
C ASP B 122 31.10 -19.03 -25.46
N HIS B 123 31.10 -19.42 -26.74
CA HIS B 123 32.30 -20.02 -27.33
C HIS B 123 33.46 -19.04 -27.46
N ILE B 124 33.14 -17.74 -27.56
CA ILE B 124 34.10 -16.66 -27.51
C ILE B 124 34.35 -16.22 -26.09
N LEU B 125 33.39 -16.35 -25.19
CA LEU B 125 33.69 -15.96 -23.83
C LEU B 125 34.70 -16.90 -23.24
N GLN B 126 34.58 -18.17 -23.60
CA GLN B 126 35.39 -19.20 -22.99
C GLN B 126 36.74 -19.32 -23.59
N THR B 127 37.11 -18.40 -24.48
CA THR B 127 38.52 -18.31 -24.91
C THR B 127 39.23 -17.26 -24.14
N TYR B 128 38.53 -16.52 -23.30
CA TYR B 128 39.10 -15.38 -22.54
C TYR B 128 39.68 -15.69 -21.17
N ASN B 129 39.32 -16.83 -20.58
CA ASN B 129 39.65 -17.14 -19.19
C ASN B 129 40.91 -18.06 -19.01
N ARG B 130 41.48 -18.08 -17.80
CA ARG B 130 42.74 -18.82 -17.55
C ARG B 130 42.56 -20.34 -17.54
N SER B 145 43.59 -7.00 -16.38
CA SER B 145 43.43 -6.48 -17.75
C SER B 145 41.98 -6.08 -18.09
N LYS B 146 41.78 -4.75 -18.04
CA LYS B 146 40.53 -4.12 -18.41
C LYS B 146 40.09 -4.55 -19.82
N SER B 147 41.02 -4.59 -20.79
CA SER B 147 40.63 -4.99 -22.15
C SER B 147 39.99 -6.41 -22.26
N SER B 148 40.29 -7.31 -21.32
CA SER B 148 39.65 -8.63 -21.27
C SER B 148 38.21 -8.46 -20.78
N LEU B 149 38.05 -7.63 -19.76
CA LEU B 149 36.75 -7.37 -19.20
C LEU B 149 35.82 -6.58 -20.14
N ILE B 150 36.39 -5.71 -20.96
CA ILE B 150 35.64 -4.89 -21.85
C ILE B 150 34.94 -5.79 -22.85
N LYS B 151 35.70 -6.70 -23.46
CA LYS B 151 35.14 -7.65 -24.44
C LYS B 151 34.21 -8.72 -23.79
N PHE B 152 34.56 -9.16 -22.59
CA PHE B 152 33.71 -10.04 -21.89
C PHE B 152 32.29 -9.39 -21.80
N CYS B 153 32.23 -8.08 -21.51
CA CYS B 153 30.97 -7.34 -21.36
C CYS B 153 30.26 -7.24 -22.64
N ILE B 154 31.01 -7.01 -23.71
CA ILE B 154 30.43 -6.85 -24.97
C ILE B 154 29.72 -8.16 -25.35
N LEU B 155 30.31 -9.30 -25.01
CA LEU B 155 29.77 -10.57 -25.49
C LEU B 155 29.00 -11.34 -24.43
N TYR B 156 28.78 -10.73 -23.26
CA TYR B 156 27.94 -11.35 -22.23
C TYR B 156 26.48 -11.13 -22.63
N LEU B 157 25.94 -12.02 -23.47
CA LEU B 157 24.64 -11.81 -24.06
C LEU B 157 23.47 -12.28 -23.20
N PRO B 158 22.25 -11.77 -23.49
CA PRO B 158 21.17 -12.27 -22.63
C PRO B 158 20.97 -13.82 -22.60
N GLU B 159 21.45 -14.54 -23.60
CA GLU B 159 21.32 -15.99 -23.61
C GLU B 159 22.57 -16.68 -23.13
N SER B 160 23.47 -15.97 -22.50
CA SER B 160 24.72 -16.54 -22.08
C SER B 160 24.50 -17.45 -20.88
N ASN B 161 25.22 -18.58 -20.81
CA ASN B 161 25.08 -19.56 -19.68
C ASN B 161 26.23 -19.40 -18.68
N VAL B 162 27.08 -18.44 -18.95
CA VAL B 162 28.03 -17.98 -17.97
C VAL B 162 27.31 -17.17 -16.85
N ASN B 163 27.71 -17.45 -15.62
CA ASN B 163 27.20 -16.78 -14.45
C ASN B 163 28.23 -15.75 -14.08
N LEU B 164 27.74 -14.70 -13.43
CA LEU B 164 28.46 -13.45 -13.22
C LEU B 164 27.90 -12.82 -11.94
N ASN B 165 28.78 -12.29 -11.11
CA ASN B 165 28.35 -11.69 -9.90
C ASN B 165 28.51 -10.20 -10.08
N LEU B 166 27.41 -9.45 -10.11
CA LEU B 166 27.47 -8.01 -10.37
C LEU B 166 28.27 -7.20 -9.32
N ASP B 167 28.13 -7.55 -8.05
CA ASP B 167 28.77 -6.80 -7.00
C ASP B 167 30.27 -6.81 -7.21
N VAL B 168 30.83 -7.89 -7.74
CA VAL B 168 32.28 -8.01 -7.90
C VAL B 168 32.71 -7.14 -9.07
N MET B 169 31.91 -7.17 -10.13
CA MET B 169 32.22 -6.38 -11.30
C MET B 169 32.03 -4.89 -11.00
N TRP B 170 30.91 -4.57 -10.35
CA TRP B 170 30.69 -3.21 -9.97
C TRP B 170 31.85 -2.67 -9.11
N ASN B 171 32.49 -3.51 -8.30
CA ASN B 171 33.53 -3.04 -7.41
C ASN B 171 34.81 -2.68 -8.17
N ILE B 172 35.04 -3.29 -9.33
CA ILE B 172 36.15 -2.88 -10.22
C ILE B 172 35.74 -1.64 -11.02
N SER B 173 34.70 -1.77 -11.86
CA SER B 173 34.32 -0.65 -12.67
C SER B 173 32.83 -0.52 -12.80
N PRO B 174 32.31 0.50 -12.10
CA PRO B 174 30.88 0.72 -11.92
C PRO B 174 30.32 1.17 -13.23
N GLU B 175 31.05 2.03 -13.91
CA GLU B 175 30.56 2.54 -15.15
C GLU B 175 30.42 1.41 -16.16
N LEU B 176 31.49 0.65 -16.34
CA LEU B 176 31.36 -0.47 -17.22
C LEU B 176 30.22 -1.46 -16.79
N CYS B 177 30.11 -1.79 -15.50
CA CYS B 177 29.06 -2.74 -15.07
C CYS B 177 27.60 -2.22 -15.33
N ALA B 178 27.46 -0.90 -15.24
CA ALA B 178 26.23 -0.16 -15.50
C ALA B 178 25.89 -0.26 -16.96
N SER B 179 26.90 -0.01 -17.78
CA SER B 179 26.74 -0.23 -19.22
C SER B 179 26.15 -1.61 -19.53
N LEU B 180 26.73 -2.66 -18.92
CA LEU B 180 26.29 -4.01 -19.17
C LEU B 180 24.81 -4.23 -18.74
N CYS B 181 24.41 -3.68 -17.59
CA CYS B 181 23.01 -3.69 -17.18
C CYS B 181 22.04 -3.01 -18.19
N PHE B 182 22.46 -1.87 -18.72
CA PHE B 182 21.69 -1.12 -19.69
C PHE B 182 21.54 -2.05 -20.90
N ALA B 183 22.67 -2.44 -21.49
CA ALA B 183 22.65 -3.42 -22.58
C ALA B 183 21.58 -4.55 -22.41
N LEU B 184 21.54 -5.12 -21.21
CA LEU B 184 20.81 -6.34 -20.99
C LEU B 184 19.37 -6.01 -20.71
N GLN B 185 19.01 -4.72 -20.61
CA GLN B 185 17.61 -4.37 -20.38
C GLN B 185 16.97 -3.87 -21.63
N SER B 186 17.84 -3.46 -22.55
CA SER B 186 17.48 -2.89 -23.82
C SER B 186 16.89 -3.80 -24.90
N PRO B 187 16.98 -5.13 -24.77
CA PRO B 187 16.36 -5.81 -25.93
C PRO B 187 14.84 -5.67 -25.95
N ARG B 188 14.26 -5.76 -27.13
CA ARG B 188 12.80 -5.66 -27.26
C ARG B 188 12.18 -7.07 -27.13
N PHE B 189 13.02 -8.09 -27.02
CA PHE B 189 12.53 -9.41 -26.67
C PHE B 189 13.47 -10.00 -25.64
N ILE B 190 12.93 -10.27 -24.46
CA ILE B 190 13.60 -10.80 -23.28
C ILE B 190 12.64 -11.84 -22.67
N GLY B 191 12.30 -12.88 -23.41
CA GLY B 191 11.25 -13.79 -22.99
C GLY B 191 11.69 -15.21 -22.66
N THR B 192 12.89 -15.59 -23.06
CA THR B 192 13.35 -16.91 -22.68
C THR B 192 13.71 -16.82 -21.24
N SER B 193 13.57 -17.97 -20.56
CA SER B 193 14.01 -18.13 -19.17
C SER B 193 15.35 -17.55 -18.89
N THR B 194 16.32 -17.85 -19.74
CA THR B 194 17.70 -17.39 -19.44
C THR B 194 17.88 -15.84 -19.66
N ALA B 195 17.14 -15.28 -20.63
CA ALA B 195 17.26 -13.83 -20.88
C ALA B 195 16.49 -13.07 -19.78
N PHE B 196 15.27 -13.51 -19.54
CA PHE B 196 14.39 -12.97 -18.54
C PHE B 196 14.93 -13.09 -17.11
N ASN B 197 15.51 -14.23 -16.70
CA ASN B 197 16.10 -14.30 -15.35
C ASN B 197 17.18 -13.27 -15.10
N LYS B 198 18.10 -13.07 -16.03
CA LYS B 198 19.07 -11.96 -15.95
C LYS B 198 18.45 -10.54 -15.81
N ARG B 199 17.54 -10.17 -16.71
CA ARG B 199 16.86 -8.89 -16.57
C ARG B 199 16.06 -8.83 -15.21
N ALA B 200 15.40 -9.91 -14.76
CA ALA B 200 14.74 -9.90 -13.37
C ALA B 200 15.66 -9.50 -12.24
N THR B 201 16.82 -10.13 -12.23
CA THR B 201 17.85 -9.90 -11.26
C THR B 201 18.38 -8.46 -11.32
N ILE B 202 18.71 -8.02 -12.53
CA ILE B 202 19.11 -6.65 -12.75
C ILE B 202 18.16 -5.59 -12.14
N LEU B 203 16.84 -5.81 -12.30
CA LEU B 203 15.84 -4.86 -11.82
C LEU B 203 15.77 -4.84 -10.32
N GLN B 204 16.21 -5.93 -9.68
CA GLN B 204 16.41 -6.02 -8.19
C GLN B 204 17.70 -5.38 -7.82
N TRP B 205 18.77 -5.76 -8.50
CA TRP B 205 20.08 -5.37 -8.04
C TRP B 205 20.54 -3.98 -8.49
N PHE B 206 20.28 -3.63 -9.74
CA PHE B 206 20.76 -2.36 -10.34
C PHE B 206 20.34 -1.02 -9.75
N PRO B 207 19.05 -0.85 -9.38
CA PRO B 207 18.61 0.52 -9.05
C PRO B 207 19.51 1.24 -8.07
N ARG B 208 19.83 0.60 -6.96
CA ARG B 208 20.64 1.27 -5.92
C ARG B 208 22.08 1.57 -6.38
N HIS B 209 22.50 0.91 -7.45
CA HIS B 209 23.84 1.05 -7.95
C HIS B 209 23.82 2.19 -8.92
N LEU B 210 22.75 2.20 -9.74
CA LEU B 210 22.51 3.20 -10.77
C LEU B 210 22.38 4.58 -10.09
N ASP B 211 21.70 4.58 -8.95
CA ASP B 211 21.50 5.76 -8.11
C ASP B 211 22.79 6.43 -7.65
N GLN B 212 23.95 5.80 -7.84
CA GLN B 212 25.18 6.38 -7.32
C GLN B 212 25.92 7.19 -8.40
N LEU B 213 25.61 6.90 -9.65
CA LEU B 213 26.20 7.58 -10.77
C LEU B 213 25.93 9.08 -10.78
N LYS B 214 26.94 9.86 -11.21
CA LYS B 214 26.88 11.33 -11.22
C LYS B 214 26.31 11.97 -12.49
N ASN B 215 26.45 11.26 -13.59
CA ASN B 215 25.80 11.62 -14.82
C ASN B 215 25.71 10.44 -15.75
N LEU B 216 25.41 10.72 -17.02
CA LEU B 216 25.18 9.73 -18.01
C LEU B 216 26.34 9.63 -18.89
N ASN B 217 27.43 10.35 -18.61
CA ASN B 217 28.49 10.35 -19.63
C ASN B 217 29.31 9.09 -19.90
N ASN B 218 29.51 8.19 -18.95
CA ASN B 218 30.20 6.95 -19.37
C ASN B 218 29.33 5.67 -19.47
N ILE B 219 28.12 5.85 -19.98
CA ILE B 219 27.02 4.89 -19.87
C ILE B 219 26.37 4.92 -21.23
N PRO B 220 25.76 3.79 -21.71
CA PRO B 220 25.06 3.79 -23.03
C PRO B 220 23.72 4.53 -22.96
N SER B 221 23.80 5.84 -22.86
CA SER B 221 22.63 6.69 -22.68
C SER B 221 21.64 6.63 -23.85
N ALA B 222 22.11 6.34 -25.06
CA ALA B 222 21.27 6.30 -26.28
C ALA B 222 20.13 5.29 -26.20
N ILE B 223 20.15 4.49 -25.14
CA ILE B 223 19.11 3.52 -24.91
C ILE B 223 18.51 3.60 -23.51
N SER B 224 18.57 4.74 -22.86
CA SER B 224 17.94 4.78 -21.55
C SER B 224 16.39 4.73 -21.58
N HIS B 225 15.81 5.18 -22.66
CA HIS B 225 14.38 5.13 -22.82
C HIS B 225 13.95 3.66 -22.95
N ASP B 226 14.77 2.82 -23.57
CA ASP B 226 14.46 1.39 -23.55
C ASP B 226 14.56 0.81 -22.12
N VAL B 227 15.62 1.11 -21.40
CA VAL B 227 15.63 0.64 -20.02
C VAL B 227 14.46 1.16 -19.23
N TYR B 228 14.13 2.43 -19.42
CA TYR B 228 13.03 3.07 -18.77
C TYR B 228 11.75 2.28 -19.05
N MET B 229 11.60 1.80 -20.26
CA MET B 229 10.30 1.26 -20.62
C MET B 229 10.20 -0.22 -20.28
N HIS B 230 11.28 -0.94 -20.53
CA HIS B 230 11.22 -2.38 -20.64
C HIS B 230 11.00 -3.04 -19.33
N CYS B 231 11.38 -2.36 -18.26
CA CYS B 231 11.17 -2.92 -16.97
C CYS B 231 9.69 -3.27 -16.70
N SER B 232 8.74 -2.71 -17.41
CA SER B 232 7.31 -2.93 -17.16
C SER B 232 6.83 -4.31 -17.48
N TYR B 233 7.72 -5.08 -18.10
CA TYR B 233 7.34 -6.31 -18.72
C TYR B 233 7.83 -7.38 -17.81
N ASP B 234 8.39 -6.99 -16.67
CA ASP B 234 8.93 -7.96 -15.71
C ASP B 234 7.71 -8.37 -14.86
N THR B 235 7.85 -9.32 -13.95
CA THR B 235 6.71 -9.71 -13.15
C THR B 235 6.72 -9.33 -11.67
N SER B 236 7.88 -8.88 -11.19
CA SER B 236 8.04 -8.61 -9.78
C SER B 236 7.33 -7.30 -9.39
N VAL B 237 7.01 -7.12 -8.10
CA VAL B 237 6.17 -5.99 -7.64
C VAL B 237 6.92 -4.68 -7.78
N ASN B 238 8.23 -4.68 -7.54
CA ASN B 238 9.04 -3.48 -7.52
C ASN B 238 9.82 -3.28 -8.85
N LYS B 239 9.19 -3.67 -9.96
CA LYS B 239 9.95 -3.67 -11.19
C LYS B 239 10.36 -2.27 -11.70
N HIS B 240 9.52 -1.29 -11.45
CA HIS B 240 9.83 0.08 -11.91
C HIS B 240 10.91 0.84 -11.08
N ASP B 241 11.48 0.23 -10.03
CA ASP B 241 12.54 0.88 -9.19
C ASP B 241 13.66 1.54 -9.98
N VAL B 242 14.02 0.94 -11.09
CA VAL B 242 15.09 1.46 -11.88
C VAL B 242 14.73 2.83 -12.54
N LYS B 243 13.44 3.10 -12.70
CA LYS B 243 13.01 4.31 -13.36
C LYS B 243 13.41 5.38 -12.38
N ARG B 244 13.21 5.06 -11.10
CA ARG B 244 13.40 6.03 -10.05
C ARG B 244 14.88 6.43 -9.99
N ALA B 245 15.80 5.47 -10.15
CA ALA B 245 17.21 5.80 -10.09
C ALA B 245 17.55 6.52 -11.34
N LEU B 246 16.98 6.07 -12.43
CA LEU B 246 17.36 6.65 -13.70
C LEU B 246 16.92 8.10 -13.69
N ASN B 247 15.72 8.39 -13.14
CA ASN B 247 15.30 9.77 -13.09
C ASN B 247 16.39 10.60 -12.39
N HIS B 248 16.96 10.06 -11.31
CA HIS B 248 17.88 10.87 -10.54
C HIS B 248 19.11 11.19 -11.34
N VAL B 249 19.62 10.26 -12.15
CA VAL B 249 20.88 10.47 -12.84
C VAL B 249 20.69 11.39 -14.01
N ILE B 250 19.54 11.25 -14.67
CA ILE B 250 19.18 12.21 -15.71
C ILE B 250 19.10 13.63 -15.12
N ARG B 251 18.51 13.76 -13.92
CA ARG B 251 18.34 15.04 -13.30
C ARG B 251 19.71 15.60 -13.04
N ARG B 252 20.52 14.85 -12.29
CA ARG B 252 21.91 15.12 -12.05
C ARG B 252 22.64 15.55 -13.32
N HIS B 253 22.38 14.89 -14.44
CA HIS B 253 23.12 15.13 -15.70
C HIS B 253 22.75 16.49 -16.33
N ILE B 254 21.46 16.76 -16.51
CA ILE B 254 21.08 18.04 -17.03
C ILE B 254 21.57 19.22 -16.17
N GLU B 255 21.46 19.06 -14.85
CA GLU B 255 21.92 20.07 -13.95
C GLU B 255 23.40 20.40 -14.06
N SER B 256 24.24 19.45 -14.47
CA SER B 256 25.68 19.70 -14.44
C SER B 256 26.34 19.71 -15.80
N GLU B 257 25.81 18.93 -16.74
CA GLU B 257 26.36 18.92 -18.09
C GLU B 257 25.71 19.96 -18.99
N TYR B 258 24.44 20.28 -18.78
CA TYR B 258 23.83 21.47 -19.40
C TYR B 258 23.71 22.48 -18.26
N GLY B 259 23.16 23.66 -18.50
CA GLY B 259 23.08 24.62 -17.38
C GLY B 259 21.90 24.32 -16.47
N TRP B 260 21.00 23.44 -16.93
CA TRP B 260 19.62 23.46 -16.50
C TRP B 260 19.23 24.25 -15.26
N LYS B 261 18.34 25.22 -15.47
CA LYS B 261 17.71 25.96 -14.40
C LYS B 261 16.25 25.83 -14.56
N ASP B 262 15.58 25.24 -13.59
CA ASP B 262 14.11 25.15 -13.66
C ASP B 262 13.43 26.50 -13.93
N ARG B 263 12.30 26.46 -14.64
CA ARG B 263 11.44 27.63 -14.76
C ARG B 263 10.99 28.11 -13.37
N ASP B 264 10.54 29.36 -13.31
CA ASP B 264 9.89 29.87 -12.12
C ASP B 264 8.36 29.86 -12.37
N VAL B 265 7.64 29.01 -11.65
CA VAL B 265 6.29 28.66 -12.05
C VAL B 265 5.22 29.25 -11.17
N ALA B 266 5.62 30.21 -10.32
CA ALA B 266 4.69 30.94 -9.41
C ALA B 266 3.60 31.67 -10.18
N HIS B 267 3.90 32.10 -11.41
CA HIS B 267 2.93 32.82 -12.25
C HIS B 267 2.67 32.24 -13.64
N ILE B 268 1.44 32.42 -14.12
CA ILE B 268 1.10 31.92 -15.42
C ILE B 268 0.75 33.02 -16.40
N GLY B 269 0.71 32.69 -17.69
CA GLY B 269 0.20 33.62 -18.67
C GLY B 269 -1.11 33.15 -19.20
N TYR B 270 -1.61 33.86 -20.23
CA TYR B 270 -2.92 33.58 -20.83
C TYR B 270 -2.84 33.76 -22.32
N ARG B 271 -3.68 33.06 -23.02
CA ARG B 271 -3.64 33.11 -24.47
C ARG B 271 -5.12 32.99 -24.77
N ASN B 272 -5.59 33.72 -25.78
CA ASN B 272 -7.01 33.88 -26.08
C ASN B 272 -7.89 33.94 -24.86
N ASN B 273 -7.38 34.50 -23.76
CA ASN B 273 -8.14 34.57 -22.54
C ASN B 273 -8.16 33.22 -21.78
N LYS B 274 -7.20 32.33 -22.06
CA LYS B 274 -7.25 31.05 -21.32
C LYS B 274 -5.89 30.75 -20.69
N PRO B 275 -5.84 30.04 -19.56
CA PRO B 275 -4.53 29.50 -19.15
C PRO B 275 -3.96 28.52 -20.20
N VAL B 276 -2.68 28.22 -20.08
CA VAL B 276 -1.99 27.54 -21.16
C VAL B 276 -1.53 26.15 -20.75
N MET B 277 -1.97 25.14 -21.51
CA MET B 277 -1.52 23.78 -21.39
C MET B 277 -0.55 23.50 -22.48
N VAL B 278 0.67 23.13 -22.12
CA VAL B 278 1.62 22.66 -23.10
C VAL B 278 1.77 21.10 -23.00
N VAL B 279 1.47 20.43 -24.11
CA VAL B 279 1.52 18.98 -24.27
C VAL B 279 2.74 18.62 -25.12
N LEU B 280 3.74 17.97 -24.52
CA LEU B 280 4.87 17.42 -25.23
C LEU B 280 4.43 16.03 -25.76
N LEU B 281 4.72 15.74 -27.02
CA LEU B 281 4.23 14.52 -27.63
C LEU B 281 5.33 13.50 -27.96
N GLU B 282 4.89 12.23 -28.06
CA GLU B 282 5.68 11.17 -28.67
C GLU B 282 4.70 10.45 -29.54
N HIS B 283 5.12 9.91 -30.66
CA HIS B 283 4.22 9.06 -31.43
C HIS B 283 2.75 9.47 -31.33
N PHE B 284 2.45 10.67 -31.77
CA PHE B 284 1.10 11.16 -31.83
C PHE B 284 0.51 11.26 -33.25
N HIS B 285 1.00 10.54 -34.24
CA HIS B 285 0.30 10.42 -35.55
C HIS B 285 -1.17 10.00 -35.49
N SER B 286 -1.95 10.40 -36.49
CA SER B 286 -3.42 10.32 -36.44
C SER B 286 -4.03 8.97 -36.65
N ALA B 287 -3.24 7.97 -37.03
CA ALA B 287 -3.79 6.61 -37.23
C ALA B 287 -3.22 5.62 -36.21
N HIS B 288 -2.39 6.12 -35.28
CA HIS B 288 -1.86 5.31 -34.16
C HIS B 288 -2.59 5.61 -32.84
N SER B 289 -2.34 4.88 -31.76
CA SER B 289 -3.33 4.83 -30.65
C SER B 289 -3.38 5.98 -29.64
N ILE B 290 -2.24 6.61 -29.31
CA ILE B 290 -2.25 7.82 -28.48
C ILE B 290 -3.24 8.85 -29.04
N TYR B 291 -3.17 9.15 -30.33
CA TYR B 291 -4.11 10.10 -30.89
C TYR B 291 -5.56 9.59 -30.73
N ARG B 292 -5.81 8.33 -31.09
CA ARG B 292 -7.13 7.74 -31.03
C ARG B 292 -7.65 7.75 -29.55
N THR B 293 -6.81 7.52 -28.55
CA THR B 293 -7.35 7.58 -27.21
C THR B 293 -7.39 8.99 -26.59
N HIS B 294 -6.43 9.85 -26.91
CA HIS B 294 -6.42 11.15 -26.22
C HIS B 294 -6.95 12.42 -26.97
N SER B 295 -7.16 12.33 -28.28
CA SER B 295 -7.40 13.55 -29.01
C SER B 295 -8.74 14.18 -28.66
N THR B 296 -9.77 13.38 -28.45
CA THR B 296 -11.08 13.94 -28.18
C THR B 296 -10.98 14.66 -26.85
N SER B 297 -10.16 14.09 -25.97
CA SER B 297 -9.99 14.61 -24.65
C SER B 297 -9.36 15.95 -24.68
N MET B 298 -8.31 16.07 -25.47
CA MET B 298 -7.59 17.31 -25.60
C MET B 298 -8.40 18.42 -26.29
N ILE B 299 -9.09 18.10 -27.38
CA ILE B 299 -9.86 19.12 -28.13
C ILE B 299 -10.94 19.67 -27.18
N ALA B 300 -11.47 18.81 -26.34
CA ALA B 300 -12.40 19.25 -25.36
C ALA B 300 -11.77 19.97 -24.19
N ALA B 301 -10.51 19.73 -23.91
CA ALA B 301 -9.88 20.54 -22.85
C ALA B 301 -9.61 22.02 -23.27
N ARG B 302 -9.67 22.30 -24.57
CA ARG B 302 -9.64 23.67 -25.10
C ARG B 302 -10.81 24.56 -24.60
N GLU B 303 -11.91 23.96 -24.19
CA GLU B 303 -12.94 24.75 -23.48
C GLU B 303 -12.32 25.60 -22.31
N HIS B 304 -11.22 25.17 -21.70
CA HIS B 304 -10.61 25.94 -20.58
C HIS B 304 -9.12 26.24 -20.71
N PHE B 305 -8.49 25.74 -21.77
CA PHE B 305 -7.06 25.99 -21.92
C PHE B 305 -6.79 26.31 -23.35
N TYR B 306 -5.73 27.10 -23.51
CA TYR B 306 -5.12 27.31 -24.81
C TYR B 306 -4.07 26.23 -24.87
N LEU B 307 -4.16 25.38 -25.87
CA LEU B 307 -3.21 24.25 -26.00
C LEU B 307 -2.10 24.43 -27.06
N ILE B 308 -0.89 24.14 -26.60
CA ILE B 308 0.27 24.21 -27.41
C ILE B 308 0.87 22.77 -27.52
N GLY B 309 0.83 22.16 -28.71
CA GLY B 309 1.43 20.85 -28.86
C GLY B 309 2.88 20.90 -29.31
N LEU B 310 3.80 20.26 -28.59
CA LEU B 310 5.19 20.06 -29.02
C LEU B 310 5.43 18.63 -29.54
N GLY B 311 5.93 18.56 -30.78
CA GLY B 311 5.97 17.32 -31.46
C GLY B 311 7.05 17.26 -32.51
N SER B 312 7.16 16.11 -33.15
CA SER B 312 8.11 16.01 -34.21
C SER B 312 7.44 15.82 -35.59
N PRO B 313 8.26 15.68 -36.64
CA PRO B 313 7.70 15.65 -38.01
C PRO B 313 6.80 14.45 -38.33
N SER B 314 6.72 13.48 -37.43
CA SER B 314 5.85 12.32 -37.70
C SER B 314 4.43 12.55 -37.17
N VAL B 315 4.16 13.76 -36.67
CA VAL B 315 2.80 14.09 -36.26
C VAL B 315 2.15 14.56 -37.52
N ASP B 316 1.05 13.94 -37.92
CA ASP B 316 0.49 14.26 -39.20
C ASP B 316 -0.35 15.49 -38.91
N GLN B 317 -1.11 15.98 -39.91
CA GLN B 317 -1.82 17.26 -39.83
C GLN B 317 -2.97 17.20 -38.84
N ALA B 318 -3.84 16.20 -38.98
CA ALA B 318 -4.88 15.94 -38.03
C ALA B 318 -4.28 15.92 -36.63
N GLY B 319 -3.13 15.27 -36.51
CA GLY B 319 -2.47 15.28 -35.24
C GLY B 319 -2.23 16.71 -34.83
N GLN B 320 -1.64 17.49 -35.72
CA GLN B 320 -1.16 18.81 -35.40
C GLN B 320 -2.23 19.77 -35.02
N GLU B 321 -3.44 19.53 -35.51
CA GLU B 321 -4.57 20.42 -35.29
C GLU B 321 -5.49 20.09 -34.11
N VAL B 322 -5.09 19.20 -33.21
CA VAL B 322 -5.89 19.02 -31.99
C VAL B 322 -5.61 20.20 -31.13
N PHE B 323 -4.49 20.86 -31.42
CA PHE B 323 -3.96 21.92 -30.58
C PHE B 323 -4.19 23.29 -31.18
N ASP B 324 -4.21 24.31 -30.35
CA ASP B 324 -4.42 25.69 -30.82
C ASP B 324 -3.28 26.07 -31.71
N GLU B 325 -2.11 25.53 -31.35
CA GLU B 325 -0.82 25.93 -31.82
C GLU B 325 0.06 24.66 -31.73
N PHE B 326 0.95 24.48 -32.72
CA PHE B 326 1.84 23.34 -32.78
C PHE B 326 3.26 23.71 -33.22
N HIS B 327 4.27 23.07 -32.62
CA HIS B 327 5.68 23.38 -32.93
C HIS B 327 6.46 22.09 -33.05
N LEU B 328 7.21 21.95 -34.12
CA LEU B 328 8.32 20.99 -34.06
C LEU B 328 9.18 21.29 -32.85
N VAL B 329 9.46 20.25 -32.06
CA VAL B 329 10.46 20.36 -31.01
C VAL B 329 11.80 20.53 -31.69
N ALA B 330 12.36 21.74 -31.57
CA ALA B 330 13.62 22.13 -32.25
C ALA B 330 14.89 21.91 -31.44
N GLY B 331 16.01 21.72 -32.12
CA GLY B 331 17.28 21.39 -31.47
C GLY B 331 18.06 20.23 -32.09
N ASP B 332 19.39 20.41 -32.15
CA ASP B 332 20.31 19.41 -32.69
C ASP B 332 20.86 18.43 -31.64
N ASN B 333 20.47 18.59 -30.39
CA ASN B 333 20.91 17.71 -29.34
C ASN B 333 19.93 17.88 -28.16
N MET B 334 20.03 17.02 -27.15
CA MET B 334 19.04 16.99 -26.10
C MET B 334 18.93 18.33 -25.39
N LYS B 335 20.08 18.99 -25.19
CA LYS B 335 20.15 20.25 -24.47
C LYS B 335 19.33 21.31 -25.22
N GLN B 336 19.42 21.28 -26.52
CA GLN B 336 18.77 22.27 -27.30
C GLN B 336 17.28 22.02 -27.23
N LYS B 337 16.92 20.74 -27.33
CA LYS B 337 15.50 20.36 -27.28
C LYS B 337 14.88 20.84 -25.99
N LEU B 338 15.58 20.63 -24.90
CA LEU B 338 15.05 21.02 -23.61
C LEU B 338 15.00 22.55 -23.54
N GLU B 339 15.97 23.21 -24.12
CA GLU B 339 16.00 24.67 -24.03
C GLU B 339 14.75 25.29 -24.70
N PHE B 340 14.35 24.67 -25.80
CA PHE B 340 13.26 25.16 -26.61
C PHE B 340 11.98 24.89 -25.88
N ILE B 341 11.85 23.68 -25.36
CA ILE B 341 10.62 23.36 -24.66
C ILE B 341 10.48 24.32 -23.50
N ARG B 342 11.59 24.61 -22.85
CA ARG B 342 11.57 25.59 -21.76
C ARG B 342 11.14 26.97 -22.30
N SER B 343 11.63 27.31 -23.51
CA SER B 343 11.36 28.65 -24.06
C SER B 343 9.86 28.80 -24.28
N VAL B 344 9.25 27.78 -24.85
CA VAL B 344 7.82 27.76 -25.12
C VAL B 344 7.07 27.83 -23.82
N CYS B 345 7.62 27.28 -22.75
CA CYS B 345 6.85 27.29 -21.48
C CYS B 345 7.05 28.64 -20.80
N GLU B 346 8.28 29.13 -20.86
CA GLU B 346 8.61 30.45 -20.36
C GLU B 346 7.81 31.58 -21.04
N SER B 347 7.71 31.55 -22.37
CA SER B 347 7.17 32.68 -23.06
C SER B 347 5.66 32.77 -22.88
N ASN B 348 5.00 31.63 -22.90
CA ASN B 348 3.57 31.58 -22.60
C ASN B 348 3.20 31.45 -21.12
N GLY B 349 4.22 31.29 -20.25
CA GLY B 349 4.04 30.95 -18.82
C GLY B 349 3.05 29.80 -18.62
N ALA B 350 3.49 28.60 -18.98
CA ALA B 350 2.58 27.48 -19.03
C ALA B 350 2.08 27.12 -17.62
N ALA B 351 0.81 26.72 -17.53
CA ALA B 351 0.22 26.37 -16.25
C ALA B 351 0.18 24.86 -16.08
N ILE B 352 -0.06 24.15 -17.16
CA ILE B 352 -0.04 22.68 -17.15
C ILE B 352 1.03 22.22 -18.10
N PHE B 353 1.90 21.31 -17.64
CA PHE B 353 2.77 20.54 -18.53
C PHE B 353 2.28 19.06 -18.62
N TYR B 354 1.95 18.62 -19.82
CA TYR B 354 1.24 17.37 -19.99
C TYR B 354 1.82 16.47 -21.06
N MET B 355 1.97 15.19 -20.69
CA MET B 355 2.48 14.17 -21.63
C MET B 355 1.59 12.99 -21.61
N PRO B 356 0.73 12.85 -22.65
CA PRO B 356 -0.19 11.74 -22.71
C PRO B 356 0.60 10.45 -22.65
N SER B 357 1.85 10.50 -23.12
CA SER B 357 2.66 9.34 -23.17
C SER B 357 4.08 9.72 -22.78
N ILE B 358 4.70 8.83 -22.02
CA ILE B 358 6.06 9.01 -21.61
C ILE B 358 6.87 7.72 -21.57
N GLY B 359 7.94 7.71 -22.34
CA GLY B 359 8.98 6.70 -22.23
C GLY B 359 9.40 6.27 -23.61
N MET B 360 8.52 6.47 -24.59
CA MET B 360 8.79 5.98 -25.91
C MET B 360 9.96 6.70 -26.52
N ASP B 361 10.42 7.76 -25.89
CA ASP B 361 11.35 8.67 -26.50
C ASP B 361 12.00 9.36 -25.32
N MET B 362 13.24 9.80 -25.52
CA MET B 362 14.08 10.24 -24.43
C MET B 362 13.75 11.66 -23.91
N THR B 363 13.11 12.44 -24.78
CA THR B 363 13.00 13.87 -24.53
C THR B 363 11.91 14.03 -23.50
N THR B 364 10.88 13.22 -23.67
CA THR B 364 9.82 13.15 -22.66
C THR B 364 10.35 12.75 -21.25
N ILE B 365 11.25 11.78 -21.20
CA ILE B 365 11.86 11.34 -19.95
C ILE B 365 12.69 12.48 -19.42
N PHE B 366 13.48 13.11 -20.28
CA PHE B 366 14.30 14.26 -19.82
C PHE B 366 13.42 15.45 -19.39
N ALA B 367 12.28 15.66 -20.04
CA ALA B 367 11.47 16.82 -19.64
C ALA B 367 10.85 16.56 -18.30
N SER B 368 10.55 15.28 -18.04
CA SER B 368 9.88 14.90 -16.79
C SER B 368 10.78 15.09 -15.60
N ASN B 369 12.03 15.42 -15.87
CA ASN B 369 12.92 15.71 -14.79
C ASN B 369 13.20 17.21 -14.63
N THR B 370 12.27 18.05 -15.04
CA THR B 370 12.46 19.48 -14.87
C THR B 370 11.17 20.17 -14.45
N ARG B 371 11.29 21.36 -13.87
CA ARG B 371 10.11 22.16 -13.54
C ARG B 371 9.89 23.21 -14.62
N LEU B 372 8.72 23.13 -15.25
CA LEU B 372 8.41 23.85 -16.47
C LEU B 372 7.06 24.54 -16.41
N ALA B 373 6.25 24.07 -15.44
CA ALA B 373 4.87 24.46 -15.28
C ALA B 373 4.38 24.09 -13.88
N PRO B 374 3.40 24.80 -13.36
CA PRO B 374 3.01 24.60 -11.95
C PRO B 374 2.48 23.16 -11.62
N ILE B 375 1.86 22.57 -12.63
CA ILE B 375 1.16 21.33 -12.51
C ILE B 375 1.66 20.54 -13.69
N GLN B 376 2.20 19.37 -13.40
CA GLN B 376 2.82 18.52 -14.40
C GLN B 376 2.17 17.18 -14.32
N ALA B 377 1.87 16.63 -15.50
CA ALA B 377 1.10 15.41 -15.57
C ALA B 377 1.37 14.51 -16.80
N ILE B 378 1.20 13.19 -16.63
CA ILE B 378 1.26 12.27 -17.75
C ILE B 378 -0.08 11.53 -17.89
N ALA B 379 -0.33 10.90 -19.03
CA ALA B 379 -1.33 9.84 -19.04
C ALA B 379 -0.58 8.51 -19.31
N LEU B 380 -1.27 7.42 -19.57
CA LEU B 380 -0.61 6.15 -19.69
C LEU B 380 -0.49 5.52 -21.11
N GLY B 381 -0.19 6.38 -22.12
CA GLY B 381 0.28 5.97 -23.43
C GLY B 381 1.18 4.74 -23.27
N HIS B 382 2.15 4.84 -22.33
CA HIS B 382 2.94 3.72 -21.79
C HIS B 382 2.53 3.59 -20.34
N PRO B 383 1.90 2.48 -20.01
CA PRO B 383 1.17 2.29 -18.74
C PRO B 383 2.06 1.98 -17.55
N ALA B 384 2.75 2.99 -17.03
CA ALA B 384 3.63 2.79 -15.87
C ALA B 384 4.05 4.08 -15.22
N THR B 385 4.18 4.00 -13.90
CA THR B 385 4.58 5.09 -13.09
C THR B 385 6.01 5.58 -13.42
N THR B 386 6.19 6.91 -13.38
CA THR B 386 7.39 7.53 -13.81
C THR B 386 8.36 7.57 -12.66
N HIS B 387 7.84 7.61 -11.44
CA HIS B 387 8.69 7.82 -10.24
C HIS B 387 9.52 9.10 -10.31
N SER B 388 9.00 10.12 -10.99
CA SER B 388 9.63 11.46 -10.99
C SER B 388 8.94 12.34 -9.96
N ASP B 389 9.68 12.98 -9.05
CA ASP B 389 9.03 13.95 -8.16
C ASP B 389 8.61 15.24 -8.86
N PHE B 390 8.96 15.40 -10.14
CA PHE B 390 8.45 16.57 -10.84
C PHE B 390 7.09 16.31 -11.51
N ILE B 391 6.66 15.07 -11.43
CA ILE B 391 5.35 14.75 -11.94
C ILE B 391 4.33 14.50 -10.81
N GLU B 392 3.30 15.31 -10.79
CA GLU B 392 2.34 15.21 -9.72
C GLU B 392 1.09 14.35 -10.03
N TYR B 393 0.65 14.28 -11.28
CA TYR B 393 -0.57 13.52 -11.53
C TYR B 393 -0.41 12.57 -12.67
N VAL B 394 -1.32 11.61 -12.72
CA VAL B 394 -1.51 10.73 -13.82
C VAL B 394 -3.01 10.80 -14.24
N ILE B 395 -3.27 10.92 -15.52
CA ILE B 395 -4.59 10.85 -15.98
C ILE B 395 -4.95 9.39 -16.33
N VAL B 396 -5.97 8.87 -15.65
CA VAL B 396 -6.31 7.50 -15.85
C VAL B 396 -7.86 7.24 -15.76
N GLU B 397 -8.34 6.35 -16.59
CA GLU B 397 -9.73 5.98 -16.52
C GLU B 397 -9.97 5.14 -15.27
N ASP B 398 -11.04 5.44 -14.56
CA ASP B 398 -11.29 4.83 -13.25
C ASP B 398 -11.36 3.25 -13.22
N ASP B 399 -11.95 2.66 -14.24
CA ASP B 399 -12.05 1.22 -14.38
C ASP B 399 -10.71 0.56 -14.77
N TYR B 400 -9.68 1.32 -15.10
CA TYR B 400 -8.45 0.69 -15.51
C TYR B 400 -7.42 0.59 -14.38
N VAL B 401 -7.77 1.16 -13.22
CA VAL B 401 -6.76 1.11 -12.18
C VAL B 401 -7.00 -0.08 -11.28
N GLY B 402 -5.89 -0.75 -10.94
CA GLY B 402 -5.92 -1.80 -9.95
C GLY B 402 -5.69 -1.20 -8.57
N SER B 403 -4.42 -1.15 -8.18
CA SER B 403 -3.93 -0.48 -6.95
C SER B 403 -3.35 0.91 -7.25
N GLU B 404 -3.59 1.86 -6.36
CA GLU B 404 -3.00 3.17 -6.51
C GLU B 404 -1.56 3.20 -6.05
N GLU B 405 -1.18 2.18 -5.32
CA GLU B 405 0.14 2.12 -4.72
C GLU B 405 1.20 1.86 -5.76
N CYS B 406 0.74 1.48 -6.96
CA CYS B 406 1.64 1.25 -8.09
C CYS B 406 2.22 2.55 -8.66
N PHE B 407 1.64 3.70 -8.32
CA PHE B 407 2.21 4.93 -8.78
C PHE B 407 2.63 5.84 -7.66
N SER B 408 3.78 6.48 -7.86
CA SER B 408 4.23 7.51 -7.01
C SER B 408 3.36 8.73 -7.21
N GLU B 409 2.81 8.94 -8.40
CA GLU B 409 1.97 10.12 -8.66
C GLU B 409 0.61 9.97 -7.99
N THR B 410 -0.10 11.08 -7.76
CA THR B 410 -1.54 11.11 -7.48
C THR B 410 -2.33 10.83 -8.75
N LEU B 411 -3.13 9.79 -8.74
CA LEU B 411 -3.91 9.42 -9.87
C LEU B 411 -5.09 10.36 -9.94
N LEU B 412 -5.34 10.96 -11.11
CA LEU B 412 -6.61 11.62 -11.38
C LEU B 412 -7.53 10.62 -12.06
N ARG B 413 -8.46 10.13 -11.30
CA ARG B 413 -9.24 9.11 -11.87
C ARG B 413 -10.47 9.62 -12.63
N LEU B 414 -10.40 9.71 -13.95
CA LEU B 414 -11.54 10.12 -14.77
C LEU B 414 -12.54 9.01 -14.84
N PRO B 415 -13.83 9.35 -14.96
CA PRO B 415 -14.89 8.50 -15.42
C PRO B 415 -14.51 7.52 -16.54
N LYS B 416 -15.10 6.32 -16.47
CA LYS B 416 -14.76 5.30 -17.45
C LYS B 416 -15.02 5.70 -18.88
N ASP B 417 -15.86 6.71 -19.08
CA ASP B 417 -16.16 7.19 -20.43
C ASP B 417 -15.45 8.50 -20.79
N ALA B 418 -14.53 8.95 -19.96
CA ALA B 418 -14.03 10.29 -20.15
C ALA B 418 -13.03 10.42 -21.28
N LEU B 419 -12.61 9.31 -21.85
CA LEU B 419 -11.60 9.36 -22.92
C LEU B 419 -12.11 8.66 -24.17
N PRO B 420 -13.14 9.20 -24.85
CA PRO B 420 -13.76 8.49 -25.99
C PRO B 420 -12.85 8.38 -27.22
N TYR B 421 -13.06 7.35 -28.03
CA TYR B 421 -12.17 7.11 -29.16
C TYR B 421 -12.55 8.02 -30.29
N VAL B 422 -11.66 8.12 -31.27
CA VAL B 422 -12.01 8.74 -32.55
C VAL B 422 -12.78 7.71 -33.45
N PRO B 423 -13.97 8.10 -33.98
CA PRO B 423 -14.67 7.14 -34.86
C PRO B 423 -13.99 6.94 -36.21
N VAL B 431 -19.43 -7.27 -41.45
CA VAL B 431 -20.56 -8.10 -40.98
C VAL B 431 -20.38 -9.57 -41.47
N ASP B 432 -19.13 -10.07 -41.33
CA ASP B 432 -18.72 -11.39 -41.90
C ASP B 432 -18.15 -12.40 -40.86
N TYR B 433 -19.03 -13.27 -40.35
CA TYR B 433 -18.73 -14.14 -39.20
C TYR B 433 -18.67 -15.64 -39.47
N LEU B 434 -17.46 -16.19 -39.30
CA LEU B 434 -17.20 -17.62 -39.44
C LEU B 434 -17.53 -18.33 -38.13
N LEU B 435 -18.61 -19.11 -38.13
CA LEU B 435 -19.11 -19.82 -36.94
C LEU B 435 -18.93 -21.34 -37.00
N ARG B 436 -17.72 -21.76 -36.61
CA ARG B 436 -17.21 -23.13 -36.74
C ARG B 436 -17.90 -24.10 -35.79
N GLU B 437 -19.16 -24.39 -36.12
CA GLU B 437 -20.06 -25.17 -35.27
C GLU B 437 -19.46 -26.49 -34.80
N ASN B 438 -19.06 -27.32 -35.76
CA ASN B 438 -18.41 -28.58 -35.45
C ASN B 438 -16.91 -28.38 -35.58
N PRO B 439 -16.20 -28.25 -34.39
CA PRO B 439 -14.74 -27.99 -34.34
C PRO B 439 -13.89 -29.26 -34.04
N GLU B 440 -12.83 -29.48 -34.83
CA GLU B 440 -11.90 -30.61 -34.63
C GLU B 440 -10.77 -30.27 -33.66
N VAL B 441 -10.09 -29.16 -33.94
CA VAL B 441 -8.93 -28.66 -33.20
C VAL B 441 -9.28 -27.27 -32.70
N VAL B 442 -8.82 -26.88 -31.52
CA VAL B 442 -9.05 -25.51 -31.10
C VAL B 442 -7.89 -24.54 -31.37
N ASN B 443 -8.20 -23.56 -32.21
CA ASN B 443 -7.23 -22.55 -32.64
C ASN B 443 -7.43 -21.39 -31.74
N ILE B 444 -6.39 -21.15 -30.96
CA ILE B 444 -6.37 -20.13 -29.93
C ILE B 444 -5.46 -19.05 -30.45
N GLY B 445 -5.97 -17.85 -30.62
CA GLY B 445 -5.08 -16.74 -30.94
C GLY B 445 -4.45 -16.00 -29.75
N ILE B 446 -3.32 -15.34 -30.04
CA ILE B 446 -2.60 -14.50 -29.10
C ILE B 446 -2.07 -13.27 -29.84
N ALA B 447 -2.54 -12.06 -29.49
CA ALA B 447 -1.99 -10.83 -30.08
C ALA B 447 -0.90 -10.39 -29.14
N SER B 448 0.32 -10.32 -29.62
CA SER B 448 1.36 -10.07 -28.67
C SER B 448 2.57 -9.43 -29.23
N THR B 449 3.09 -8.41 -28.59
CA THR B 449 4.35 -7.87 -29.03
C THR B 449 5.39 -8.77 -28.42
N THR B 450 6.63 -8.65 -28.85
CA THR B 450 7.68 -9.48 -28.30
C THR B 450 8.03 -9.08 -26.90
N MET B 451 7.79 -7.85 -26.52
CA MET B 451 8.07 -7.46 -25.16
C MET B 451 7.14 -8.20 -24.20
N LYS B 452 5.96 -8.57 -24.59
CA LYS B 452 5.04 -9.03 -23.59
C LYS B 452 5.28 -10.53 -23.33
N LEU B 453 6.17 -11.12 -24.11
CA LEU B 453 6.35 -12.56 -23.98
C LEU B 453 7.35 -12.78 -22.87
N ASN B 454 7.07 -13.77 -22.04
CA ASN B 454 7.93 -14.12 -20.97
C ASN B 454 7.73 -15.59 -20.53
N PRO B 455 8.68 -16.14 -19.72
CA PRO B 455 8.62 -17.56 -19.43
C PRO B 455 7.31 -17.92 -18.74
N TYR B 456 6.86 -17.13 -17.77
CA TYR B 456 5.55 -17.43 -17.07
C TYR B 456 4.35 -17.57 -18.00
N PHE B 457 4.19 -16.60 -18.89
CA PHE B 457 3.06 -16.63 -19.80
C PHE B 457 3.13 -17.94 -20.63
N LEU B 458 4.31 -18.23 -21.14
CA LEU B 458 4.45 -19.37 -22.02
C LEU B 458 4.21 -20.67 -21.28
N GLU B 459 4.59 -20.75 -20.01
CA GLU B 459 4.34 -21.92 -19.24
C GLU B 459 2.86 -22.11 -19.04
N ALA B 460 2.08 -21.05 -19.06
CA ALA B 460 0.69 -21.21 -18.78
C ALA B 460 0.08 -21.69 -20.08
N LEU B 461 0.64 -21.23 -21.19
CA LEU B 461 0.17 -21.69 -22.47
C LEU B 461 0.43 -23.18 -22.62
N LYS B 462 1.62 -23.59 -22.18
CA LYS B 462 1.96 -24.98 -22.28
C LYS B 462 1.05 -25.77 -21.36
N ALA B 463 0.66 -25.16 -20.25
CA ALA B 463 -0.18 -25.84 -19.25
C ALA B 463 -1.58 -26.07 -19.82
N ILE B 464 -2.12 -25.04 -20.51
CA ILE B 464 -3.38 -25.12 -21.19
C ILE B 464 -3.29 -26.24 -22.19
N ARG B 465 -2.11 -26.43 -22.79
CA ARG B 465 -2.04 -27.41 -23.89
C ARG B 465 -2.15 -28.78 -23.34
N ASP B 466 -1.39 -29.03 -22.29
CA ASP B 466 -1.31 -30.37 -21.77
C ASP B 466 -2.53 -30.73 -20.95
N ARG B 467 -3.23 -29.75 -20.38
CA ARG B 467 -4.35 -30.15 -19.51
C ARG B 467 -5.65 -30.17 -20.26
N ALA B 468 -5.71 -29.59 -21.44
CA ALA B 468 -6.97 -29.68 -22.16
C ALA B 468 -7.26 -31.12 -22.67
N LYS B 469 -8.49 -31.57 -22.42
CA LYS B 469 -9.07 -32.77 -23.05
C LYS B 469 -9.20 -32.68 -24.57
N VAL B 470 -9.04 -31.50 -25.17
CA VAL B 470 -9.16 -31.38 -26.61
C VAL B 470 -7.90 -30.87 -27.26
N LYS B 471 -7.80 -31.07 -28.57
CA LYS B 471 -6.64 -30.65 -29.30
C LYS B 471 -6.65 -29.15 -29.44
N VAL B 472 -5.47 -28.55 -29.21
CA VAL B 472 -5.30 -27.14 -29.14
C VAL B 472 -4.12 -26.69 -30.05
N HIS B 473 -4.34 -25.62 -30.79
CA HIS B 473 -3.24 -25.01 -31.54
C HIS B 473 -3.18 -23.51 -31.27
N PHE B 474 -1.96 -22.98 -31.13
CA PHE B 474 -1.82 -21.57 -30.82
C PHE B 474 -1.37 -20.73 -32.04
N HIS B 475 -2.02 -19.59 -32.28
CA HIS B 475 -1.52 -18.67 -33.29
C HIS B 475 -1.10 -17.35 -32.71
N PHE B 476 0.20 -17.13 -32.66
CA PHE B 476 0.82 -15.88 -32.24
C PHE B 476 0.90 -14.89 -33.37
N ALA B 477 0.19 -13.78 -33.26
CA ALA B 477 0.35 -12.71 -34.20
C ALA B 477 1.27 -11.75 -33.53
N LEU B 478 2.56 -11.90 -33.77
CA LEU B 478 3.64 -11.20 -33.07
C LEU B 478 3.98 -9.81 -33.54
N GLY B 479 3.50 -8.81 -32.80
CA GLY B 479 3.69 -7.41 -33.09
C GLY B 479 5.08 -6.97 -33.44
N GLN B 480 6.04 -7.14 -32.56
CA GLN B 480 7.35 -6.57 -32.90
C GLN B 480 8.26 -7.51 -33.79
N SER B 481 7.83 -8.75 -34.04
CA SER B 481 8.74 -9.78 -34.49
C SER B 481 9.18 -9.61 -35.94
N ASN B 482 10.44 -9.28 -36.15
CA ASN B 482 10.84 -8.62 -37.39
C ASN B 482 12.24 -9.09 -37.79
N GLY B 483 12.45 -9.45 -39.06
CA GLY B 483 13.81 -9.71 -39.50
C GLY B 483 14.59 -10.66 -38.58
N ILE B 484 15.69 -10.19 -37.99
CA ILE B 484 16.54 -11.09 -37.20
C ILE B 484 16.04 -11.45 -35.79
N THR B 485 15.00 -10.77 -35.35
CA THR B 485 14.35 -11.08 -34.10
C THR B 485 13.53 -12.33 -34.26
N HIS B 486 12.92 -12.57 -35.42
CA HIS B 486 11.87 -13.58 -35.51
C HIS B 486 12.22 -15.07 -35.32
N PRO B 487 13.38 -15.53 -35.83
CA PRO B 487 13.61 -16.95 -35.69
C PRO B 487 13.92 -17.33 -34.25
N TYR B 488 14.57 -16.42 -33.51
CA TYR B 488 14.83 -16.59 -32.09
C TYR B 488 13.51 -16.64 -31.31
N VAL B 489 12.56 -15.72 -31.55
CA VAL B 489 11.28 -15.86 -30.87
C VAL B 489 10.54 -17.16 -31.20
N GLU B 490 10.68 -17.65 -32.42
CA GLU B 490 10.01 -18.86 -32.82
C GLU B 490 10.56 -20.07 -32.08
N ARG B 491 11.83 -20.01 -31.69
CA ARG B 491 12.49 -21.10 -31.07
C ARG B 491 11.89 -21.14 -29.71
N PHE B 492 11.93 -19.99 -29.05
CA PHE B 492 11.47 -19.82 -27.68
C PHE B 492 10.08 -20.47 -27.61
N ILE B 493 9.19 -20.12 -28.54
CA ILE B 493 7.86 -20.65 -28.60
C ILE B 493 7.76 -22.18 -28.77
N LYS B 494 8.46 -22.69 -29.81
CA LYS B 494 8.62 -24.11 -30.04
C LYS B 494 9.07 -24.86 -28.78
N SER B 495 9.93 -24.25 -27.99
CA SER B 495 10.52 -24.98 -26.90
C SER B 495 9.51 -25.22 -25.81
N TYR B 496 8.34 -24.61 -25.95
CA TYR B 496 7.30 -24.79 -24.92
C TYR B 496 6.17 -25.57 -25.47
N LEU B 497 5.98 -25.48 -26.79
CA LEU B 497 4.72 -25.77 -27.47
C LEU B 497 4.83 -26.68 -28.72
N GLY B 498 6.06 -26.83 -29.25
CA GLY B 498 6.28 -27.72 -30.36
C GLY B 498 5.37 -27.45 -31.54
N ASP B 499 4.68 -28.48 -32.00
CA ASP B 499 3.73 -28.34 -33.14
C ASP B 499 2.45 -27.65 -32.73
N SER B 500 2.20 -27.63 -31.43
CA SER B 500 1.00 -27.00 -30.94
C SER B 500 0.91 -25.48 -31.15
N ALA B 501 1.97 -24.86 -31.68
CA ALA B 501 2.00 -23.40 -31.92
C ALA B 501 2.63 -23.02 -33.24
N THR B 502 2.01 -22.05 -33.88
CA THR B 502 2.69 -21.35 -34.95
C THR B 502 2.98 -19.85 -34.67
N ALA B 503 4.20 -19.42 -34.99
CA ALA B 503 4.60 -18.05 -34.77
C ALA B 503 4.51 -17.11 -35.99
N HIS B 504 3.37 -16.44 -36.18
CA HIS B 504 3.27 -15.51 -37.31
C HIS B 504 4.09 -14.29 -37.07
N PRO B 505 4.85 -13.88 -38.07
CA PRO B 505 5.61 -12.68 -37.83
C PRO B 505 4.80 -11.39 -37.92
N HIS B 506 5.53 -10.29 -37.82
CA HIS B 506 4.94 -9.00 -37.92
C HIS B 506 4.08 -8.91 -39.18
N SER B 507 2.93 -8.29 -39.07
CA SER B 507 2.02 -8.14 -40.20
C SER B 507 1.28 -6.82 -40.08
N PRO B 508 0.89 -6.23 -41.23
CA PRO B 508 0.02 -5.03 -41.23
C PRO B 508 -1.31 -5.40 -40.66
N TYR B 509 -2.04 -4.38 -40.19
CA TYR B 509 -3.30 -4.58 -39.50
C TYR B 509 -4.20 -5.69 -40.11
N HIS B 510 -4.54 -5.61 -41.42
CA HIS B 510 -5.60 -6.47 -41.98
C HIS B 510 -5.23 -7.93 -42.20
N GLN B 511 -3.96 -8.21 -42.45
CA GLN B 511 -3.43 -9.56 -42.39
C GLN B 511 -3.42 -10.09 -40.94
N TYR B 512 -3.10 -9.22 -39.99
CA TYR B 512 -3.16 -9.61 -38.60
C TYR B 512 -4.62 -10.03 -38.18
N LEU B 513 -5.64 -9.27 -38.63
CA LEU B 513 -6.99 -9.66 -38.33
C LEU B 513 -7.28 -10.96 -38.93
N ARG B 514 -6.96 -11.17 -40.20
CA ARG B 514 -7.27 -12.46 -40.81
C ARG B 514 -6.58 -13.61 -40.11
N ILE B 515 -5.42 -13.40 -39.52
CA ILE B 515 -4.83 -14.46 -38.73
C ILE B 515 -5.78 -14.87 -37.61
N LEU B 516 -6.42 -13.89 -37.01
CA LEU B 516 -7.14 -14.10 -35.77
C LEU B 516 -8.53 -14.62 -36.08
N HIS B 517 -9.03 -14.15 -37.21
CA HIS B 517 -10.26 -14.63 -37.73
C HIS B 517 -10.30 -16.14 -37.90
N ASN B 518 -9.15 -16.77 -38.15
CA ASN B 518 -9.06 -18.24 -38.21
C ASN B 518 -9.00 -18.89 -36.81
N CYS B 519 -9.26 -18.08 -35.78
CA CYS B 519 -9.26 -18.64 -34.44
C CYS B 519 -10.64 -18.89 -33.90
N ASP B 520 -10.72 -19.74 -32.87
CA ASP B 520 -11.96 -20.08 -32.20
C ASP B 520 -12.12 -19.35 -30.87
N MET B 521 -11.01 -18.85 -30.35
CA MET B 521 -10.91 -18.20 -29.04
C MET B 521 -9.51 -17.53 -28.93
N MET B 522 -9.39 -16.57 -28.00
CA MET B 522 -8.11 -15.95 -27.70
C MET B 522 -7.70 -16.04 -26.22
N VAL B 523 -6.42 -15.70 -25.93
CA VAL B 523 -5.97 -15.51 -24.59
C VAL B 523 -4.99 -14.35 -24.54
N ASN B 524 -4.90 -13.61 -23.44
CA ASN B 524 -4.03 -12.43 -23.43
C ASN B 524 -2.75 -12.64 -22.70
N PRO B 525 -1.66 -12.01 -23.20
CA PRO B 525 -0.41 -12.04 -22.43
C PRO B 525 -0.57 -11.45 -21.03
N PHE B 526 0.33 -11.84 -20.13
CA PHE B 526 0.39 -11.27 -18.81
C PHE B 526 1.81 -11.40 -18.36
N PRO B 527 2.24 -10.53 -17.41
CA PRO B 527 1.47 -9.52 -16.67
C PRO B 527 0.98 -8.28 -17.51
N PHE B 528 1.80 -7.71 -18.37
CA PHE B 528 1.38 -6.62 -19.21
C PHE B 528 0.49 -7.14 -20.33
N GLY B 529 -0.78 -6.75 -20.32
CA GLY B 529 -1.80 -7.26 -21.25
C GLY B 529 -2.06 -6.46 -22.53
N ASN B 530 -3.26 -6.57 -23.07
CA ASN B 530 -3.59 -5.86 -24.29
C ASN B 530 -4.63 -4.85 -24.04
N THR B 531 -4.75 -3.94 -24.99
CA THR B 531 -5.81 -2.96 -25.04
C THR B 531 -6.54 -3.14 -26.40
N ASN B 532 -5.93 -2.62 -27.47
CA ASN B 532 -6.58 -2.68 -28.75
C ASN B 532 -6.87 -4.10 -29.18
N GLY B 533 -5.96 -5.01 -28.96
CA GLY B 533 -6.26 -6.41 -29.27
C GLY B 533 -7.59 -6.96 -28.78
N ILE B 534 -7.98 -6.58 -27.55
CA ILE B 534 -9.26 -6.88 -26.95
C ILE B 534 -10.37 -6.26 -27.82
N ILE B 535 -10.12 -5.04 -28.26
CA ILE B 535 -11.08 -4.43 -29.13
C ILE B 535 -11.21 -5.21 -30.43
N ASP B 536 -10.10 -5.55 -31.06
CA ASP B 536 -10.11 -6.41 -32.26
C ASP B 536 -10.80 -7.75 -31.96
N MET B 537 -10.43 -8.42 -30.88
CA MET B 537 -11.02 -9.72 -30.54
C MET B 537 -12.51 -9.58 -30.62
N VAL B 538 -13.00 -8.55 -29.95
CA VAL B 538 -14.45 -8.35 -29.96
C VAL B 538 -15.04 -8.02 -31.33
N THR B 539 -14.31 -7.28 -32.16
CA THR B 539 -14.80 -6.84 -33.48
C THR B 539 -14.93 -8.05 -34.35
N LEU B 540 -14.03 -9.00 -34.15
CA LEU B 540 -14.05 -10.27 -34.87
C LEU B 540 -15.06 -11.26 -34.35
N GLY B 541 -15.72 -10.95 -33.23
CA GLY B 541 -16.71 -11.86 -32.70
C GLY B 541 -16.04 -13.02 -31.99
N LEU B 542 -14.80 -12.77 -31.55
CA LEU B 542 -14.08 -13.69 -30.65
C LEU B 542 -14.16 -13.31 -29.19
N VAL B 543 -13.91 -14.31 -28.35
CA VAL B 543 -14.04 -14.16 -26.95
C VAL B 543 -12.71 -14.77 -26.49
N GLY B 544 -12.30 -14.51 -25.26
CA GLY B 544 -11.00 -14.96 -24.79
C GLY B 544 -10.84 -14.80 -23.31
N VAL B 545 -9.65 -15.10 -22.80
CA VAL B 545 -9.38 -15.15 -21.39
C VAL B 545 -8.24 -14.18 -21.07
N CYS B 546 -8.34 -13.48 -19.94
CA CYS B 546 -7.24 -12.62 -19.51
C CYS B 546 -6.94 -12.79 -18.02
N LYS B 547 -5.81 -12.16 -17.63
CA LYS B 547 -5.43 -12.07 -16.23
C LYS B 547 -5.31 -10.62 -15.79
N THR B 548 -6.04 -10.26 -14.74
CA THR B 548 -5.99 -8.92 -14.13
C THR B 548 -4.94 -8.86 -13.02
N GLY B 549 -4.76 -7.73 -12.37
CA GLY B 549 -3.71 -7.62 -11.36
C GLY B 549 -3.57 -6.17 -10.99
N ALA B 550 -2.63 -5.84 -10.08
CA ALA B 550 -2.55 -4.49 -9.51
C ALA B 550 -2.25 -3.32 -10.49
N GLU B 551 -1.33 -3.56 -11.42
CA GLU B 551 -0.82 -2.54 -12.30
C GLU B 551 -1.85 -2.15 -13.33
N VAL B 552 -1.78 -0.95 -13.88
CA VAL B 552 -2.75 -0.56 -14.93
C VAL B 552 -2.60 -1.47 -16.13
N HIS B 553 -1.37 -1.79 -16.45
CA HIS B 553 -1.14 -2.66 -17.59
C HIS B 553 -1.58 -4.10 -17.32
N GLU B 554 -1.92 -4.39 -16.05
CA GLU B 554 -2.53 -5.70 -15.72
C GLU B 554 -4.03 -5.55 -15.69
N HIS B 555 -4.51 -4.44 -15.11
CA HIS B 555 -5.92 -4.21 -14.86
C HIS B 555 -6.77 -3.71 -16.05
N ILE B 556 -6.17 -3.15 -17.11
CA ILE B 556 -6.95 -2.72 -18.30
C ILE B 556 -7.86 -3.81 -18.87
N ASP B 557 -7.33 -5.02 -18.87
CA ASP B 557 -7.96 -6.06 -19.59
C ASP B 557 -9.27 -6.31 -18.84
N GLU B 558 -9.19 -6.28 -17.51
CA GLU B 558 -10.38 -6.47 -16.69
C GLU B 558 -11.44 -5.38 -17.04
N GLY B 559 -11.05 -4.12 -16.88
CA GLY B 559 -11.95 -3.02 -17.21
C GLY B 559 -12.53 -3.16 -18.60
N LEU B 560 -11.67 -3.36 -19.58
CA LEU B 560 -12.07 -3.31 -20.91
C LEU B 560 -13.02 -4.47 -21.23
N PHE B 561 -12.79 -5.67 -20.70
CA PHE B 561 -13.71 -6.83 -20.92
C PHE B 561 -15.12 -6.41 -20.48
N LYS B 562 -15.19 -5.66 -19.40
CA LYS B 562 -16.44 -5.16 -18.87
C LYS B 562 -17.08 -4.04 -19.70
N ARG B 563 -16.29 -3.09 -20.17
CA ARG B 563 -16.85 -2.08 -21.03
C ARG B 563 -17.51 -2.73 -22.24
N LEU B 564 -16.96 -3.89 -22.62
CA LEU B 564 -17.29 -4.52 -23.88
C LEU B 564 -18.44 -5.52 -23.72
N GLY B 565 -18.64 -6.00 -22.48
CA GLY B 565 -19.65 -6.94 -22.19
C GLY B 565 -19.14 -8.37 -22.12
N LEU B 566 -17.86 -8.59 -21.98
CA LEU B 566 -17.45 -9.99 -21.95
C LEU B 566 -17.64 -10.46 -20.53
N PRO B 567 -18.14 -11.68 -20.35
CA PRO B 567 -18.36 -12.20 -19.02
C PRO B 567 -17.12 -12.20 -18.13
N GLU B 568 -17.37 -12.24 -16.84
CA GLU B 568 -16.40 -11.85 -15.86
C GLU B 568 -15.60 -13.10 -15.47
N TRP B 569 -16.11 -14.28 -15.85
CA TRP B 569 -15.39 -15.47 -15.52
C TRP B 569 -14.30 -15.63 -16.48
N LEU B 570 -14.34 -14.91 -17.58
CA LEU B 570 -13.22 -14.89 -18.51
C LEU B 570 -12.02 -14.08 -17.98
N ILE B 571 -12.20 -13.42 -16.84
CA ILE B 571 -11.18 -12.51 -16.27
C ILE B 571 -10.61 -13.28 -15.12
N ALA B 572 -9.36 -13.66 -15.24
CA ALA B 572 -8.79 -14.46 -14.21
C ALA B 572 -7.93 -13.61 -13.29
N ASN B 573 -7.81 -14.09 -12.05
CA ASN B 573 -7.05 -13.41 -11.05
C ASN B 573 -5.73 -14.07 -10.75
N THR B 574 -5.58 -15.37 -10.95
CA THR B 574 -4.27 -16.03 -10.77
C THR B 574 -3.90 -16.80 -12.02
N VAL B 575 -2.64 -17.19 -12.13
CA VAL B 575 -2.21 -18.04 -13.26
C VAL B 575 -2.95 -19.39 -13.30
N ASP B 576 -3.17 -20.06 -12.17
CA ASP B 576 -3.98 -21.30 -12.12
C ASP B 576 -5.45 -21.05 -12.51
N GLU B 577 -5.99 -19.87 -12.21
CA GLU B 577 -7.31 -19.65 -12.72
C GLU B 577 -7.25 -19.53 -14.19
N TYR B 578 -6.40 -18.63 -14.66
CA TYR B 578 -6.23 -18.40 -16.11
C TYR B 578 -6.16 -19.73 -16.88
N VAL B 579 -5.22 -20.57 -16.46
CA VAL B 579 -5.07 -21.83 -17.11
C VAL B 579 -6.39 -22.58 -17.08
N GLU B 580 -7.10 -22.66 -15.95
CA GLU B 580 -8.33 -23.47 -15.93
C GLU B 580 -9.50 -22.85 -16.70
N ARG B 581 -9.54 -21.51 -16.74
CA ARG B 581 -10.58 -20.79 -17.49
C ARG B 581 -10.36 -20.90 -18.97
N ALA B 582 -9.10 -20.90 -19.40
CA ALA B 582 -8.83 -21.09 -20.86
C ALA B 582 -9.14 -22.54 -21.30
N VAL B 583 -8.71 -23.50 -20.49
CA VAL B 583 -9.05 -24.88 -20.75
C VAL B 583 -10.54 -25.04 -20.86
N ARG B 584 -11.30 -24.51 -19.89
CA ARG B 584 -12.76 -24.53 -20.01
C ARG B 584 -13.29 -23.97 -21.33
N LEU B 585 -12.75 -22.84 -21.72
CA LEU B 585 -13.23 -22.14 -22.91
C LEU B 585 -12.98 -23.03 -24.10
N ALA B 586 -11.82 -23.67 -24.14
CA ALA B 586 -11.46 -24.59 -25.21
C ALA B 586 -12.25 -25.93 -25.19
N GLU B 587 -12.73 -26.40 -24.04
CA GLU B 587 -13.40 -27.72 -24.02
C GLU B 587 -14.91 -27.69 -24.30
N ASN B 588 -15.57 -26.62 -23.87
CA ASN B 588 -17.04 -26.53 -23.84
C ASN B 588 -17.46 -25.81 -25.10
N HIS B 589 -17.38 -26.53 -26.22
CA HIS B 589 -17.61 -25.95 -27.54
C HIS B 589 -18.90 -25.24 -27.63
N GLN B 590 -19.93 -25.86 -27.09
CA GLN B 590 -21.29 -25.39 -27.23
C GLN B 590 -21.36 -24.13 -26.41
N GLU B 591 -20.72 -24.15 -25.24
CA GLU B 591 -20.77 -22.95 -24.41
C GLU B 591 -20.02 -21.76 -25.09
N ARG B 592 -18.91 -22.07 -25.76
CA ARG B 592 -18.08 -21.12 -26.49
C ARG B 592 -18.73 -20.57 -27.70
N LEU B 593 -19.33 -21.44 -28.49
CA LEU B 593 -20.19 -21.01 -29.57
C LEU B 593 -21.26 -20.02 -29.09
N GLU B 594 -21.98 -20.38 -28.02
CA GLU B 594 -23.10 -19.54 -27.56
C GLU B 594 -22.55 -18.22 -27.08
N LEU B 595 -21.38 -18.29 -26.52
CA LEU B 595 -20.76 -17.09 -26.04
C LEU B 595 -20.34 -16.21 -27.19
N ARG B 596 -19.85 -16.77 -28.29
CA ARG B 596 -19.44 -15.94 -29.39
C ARG B 596 -20.68 -15.36 -30.02
N ARG B 597 -21.72 -16.18 -30.10
CA ARG B 597 -22.92 -15.69 -30.70
C ARG B 597 -23.45 -14.52 -29.87
N TYR B 598 -23.37 -14.60 -28.55
CA TYR B 598 -23.87 -13.49 -27.76
C TYR B 598 -23.07 -12.19 -27.93
N ILE B 599 -21.75 -12.26 -27.95
CA ILE B 599 -20.94 -11.05 -28.09
C ILE B 599 -21.14 -10.35 -29.42
N ILE B 600 -21.39 -11.13 -30.46
CA ILE B 600 -21.61 -10.60 -31.79
C ILE B 600 -22.88 -9.75 -31.79
N GLU B 601 -23.89 -10.13 -31.00
CA GLU B 601 -25.18 -9.41 -30.97
C GLU B 601 -25.34 -8.38 -29.83
N ASN B 602 -24.58 -8.52 -28.75
CA ASN B 602 -24.57 -7.49 -27.70
C ASN B 602 -23.20 -7.18 -27.20
N ASN B 603 -22.59 -6.10 -27.64
CA ASN B 603 -21.32 -5.75 -27.04
C ASN B 603 -21.33 -4.29 -26.75
N GLY B 604 -20.26 -3.79 -26.18
CA GLY B 604 -20.25 -2.40 -25.90
C GLY B 604 -19.23 -1.67 -26.71
N LEU B 605 -18.90 -2.19 -27.88
CA LEU B 605 -17.96 -1.49 -28.72
C LEU B 605 -18.47 -0.08 -29.00
N ASN B 606 -19.74 0.08 -29.24
CA ASN B 606 -20.18 1.43 -29.49
C ASN B 606 -20.12 2.39 -28.35
N THR B 607 -19.91 1.91 -27.14
CA THR B 607 -19.71 2.79 -26.00
C THR B 607 -18.26 3.32 -25.87
N LEU B 608 -17.32 2.86 -26.68
CA LEU B 608 -15.95 3.33 -26.54
C LEU B 608 -15.84 4.67 -27.27
N PHE B 609 -16.90 5.00 -27.99
CA PHE B 609 -16.94 6.19 -28.87
C PHE B 609 -17.81 7.34 -28.35
N THR B 610 -18.70 7.02 -27.44
CA THR B 610 -19.64 7.96 -26.92
C THR B 610 -19.04 8.33 -25.58
N GLY B 611 -19.61 9.23 -24.84
CA GLY B 611 -18.91 9.54 -23.62
C GLY B 611 -18.36 10.93 -23.59
N ASP B 612 -18.44 11.49 -22.39
CA ASP B 612 -18.16 12.88 -22.15
C ASP B 612 -16.62 13.02 -22.00
N PRO B 613 -15.98 13.66 -23.00
CA PRO B 613 -14.55 13.95 -23.17
C PRO B 613 -14.02 15.09 -22.34
N ARG B 614 -14.87 15.64 -21.48
CA ARG B 614 -14.57 16.91 -20.78
C ARG B 614 -13.85 16.81 -19.42
N PRO B 615 -14.01 15.70 -18.69
CA PRO B 615 -13.45 15.59 -17.38
C PRO B 615 -12.01 16.00 -17.21
N MET B 616 -11.14 15.59 -18.14
CA MET B 616 -9.71 15.85 -18.05
C MET B 616 -9.55 17.33 -17.97
N GLY B 617 -10.23 18.00 -18.91
CA GLY B 617 -10.22 19.46 -19.01
C GLY B 617 -10.62 20.06 -17.68
N GLN B 618 -11.79 19.67 -17.20
CA GLN B 618 -12.29 20.24 -15.96
C GLN B 618 -11.33 19.94 -14.83
N VAL B 619 -10.82 18.71 -14.80
CA VAL B 619 -9.95 18.28 -13.69
C VAL B 619 -8.69 19.11 -13.61
N PHE B 620 -8.01 19.38 -14.73
CA PHE B 620 -6.86 20.31 -14.66
C PHE B 620 -7.18 21.75 -14.23
N LEU B 621 -8.24 22.36 -14.76
CA LEU B 621 -8.76 23.65 -14.27
C LEU B 621 -8.94 23.73 -12.76
N GLU B 622 -9.67 22.77 -12.17
CA GLU B 622 -9.93 22.88 -10.75
C GLU B 622 -8.67 22.69 -9.91
N LYS B 623 -7.67 22.13 -10.58
CA LYS B 623 -6.42 21.85 -9.91
C LYS B 623 -5.69 23.14 -10.02
N LEU B 624 -5.80 23.79 -11.18
CA LEU B 624 -5.14 25.08 -11.36
C LEU B 624 -5.60 26.10 -10.33
N ASN B 625 -6.91 26.30 -10.27
CA ASN B 625 -7.53 27.22 -9.32
C ASN B 625 -7.06 26.96 -7.93
N ALA B 626 -6.92 25.70 -7.52
CA ALA B 626 -6.57 25.46 -6.12
C ALA B 626 -5.14 25.90 -5.86
N PHE B 627 -4.38 26.07 -6.93
CA PHE B 627 -2.97 26.30 -6.80
C PHE B 627 -2.75 27.80 -6.79
N LEU B 628 -3.57 28.47 -7.59
CA LEU B 628 -3.57 29.93 -7.69
C LEU B 628 -4.10 30.70 -6.47
N LYS B 629 -5.18 30.24 -5.84
CA LYS B 629 -5.66 30.86 -4.59
C LYS B 629 -4.70 30.78 -3.37
N GLU B 630 -3.39 31.06 -3.60
CA GLU B 630 -2.35 31.39 -2.55
C GLU B 630 -2.21 32.93 -2.38
#